data_2EQ0
#
_entry.id   2EQ0
#
loop_
_entity.id
_entity.type
_entity.pdbx_description
1 polymer 'Zinc finger protein 347'
2 non-polymer 'ZINC ION'
#
_entity_poly.entity_id   1
_entity_poly.type   'polypeptide(L)'
_entity_poly.pdbx_seq_one_letter_code
;GSSGSSGTGEKPYKCHECGKVFRRNSHLARHQLIHTGEKPSGPSSG
;
_entity_poly.pdbx_strand_id   A
#
# COMPACT_ATOMS: atom_id res chain seq x y z
N GLY A 1 2.82 -24.37 -11.85
CA GLY A 1 3.26 -25.21 -10.75
C GLY A 1 4.77 -25.25 -10.62
N SER A 2 5.43 -24.19 -11.07
CA SER A 2 6.89 -24.11 -11.00
C SER A 2 7.37 -24.18 -9.56
N SER A 3 8.48 -24.89 -9.35
CA SER A 3 9.03 -25.06 -8.02
C SER A 3 10.41 -24.39 -7.93
N GLY A 4 10.90 -24.22 -6.70
CA GLY A 4 12.19 -23.59 -6.50
C GLY A 4 12.08 -22.22 -5.87
N SER A 5 12.48 -22.13 -4.60
CA SER A 5 12.42 -20.87 -3.87
C SER A 5 13.82 -20.35 -3.56
N SER A 6 13.96 -19.03 -3.48
CA SER A 6 15.26 -18.41 -3.19
C SER A 6 15.37 -18.08 -1.71
N GLY A 7 15.17 -19.09 -0.87
CA GLY A 7 15.27 -18.89 0.57
C GLY A 7 14.05 -18.18 1.13
N THR A 8 14.29 -17.16 1.96
CA THR A 8 13.20 -16.40 2.57
C THR A 8 12.40 -15.65 1.51
N GLY A 9 13.04 -15.34 0.39
CA GLY A 9 12.36 -14.63 -0.67
C GLY A 9 11.86 -13.27 -0.24
N GLU A 10 10.87 -12.75 -0.95
CA GLU A 10 10.29 -11.45 -0.62
C GLU A 10 9.00 -11.22 -1.40
N LYS A 11 8.18 -10.30 -0.90
CA LYS A 11 6.91 -9.98 -1.54
C LYS A 11 6.55 -8.51 -1.32
N PRO A 12 7.25 -7.62 -2.04
CA PRO A 12 7.02 -6.17 -1.94
C PRO A 12 5.68 -5.76 -2.56
N TYR A 13 4.90 -5.00 -1.80
CA TYR A 13 3.60 -4.54 -2.27
C TYR A 13 3.75 -3.39 -3.26
N LYS A 14 2.85 -3.34 -4.24
CA LYS A 14 2.88 -2.29 -5.25
C LYS A 14 1.55 -1.58 -5.35
N CYS A 15 1.56 -0.28 -5.11
CA CYS A 15 0.34 0.53 -5.15
C CYS A 15 -0.25 0.53 -6.56
N HIS A 16 -1.47 0.02 -6.69
CA HIS A 16 -2.14 -0.03 -7.98
C HIS A 16 -2.75 1.33 -8.34
N GLU A 17 -2.80 2.22 -7.36
CA GLU A 17 -3.35 3.55 -7.57
C GLU A 17 -2.45 4.38 -8.48
N CYS A 18 -1.15 4.39 -8.18
CA CYS A 18 -0.19 5.14 -8.98
C CYS A 18 0.84 4.21 -9.61
N GLY A 19 1.27 3.21 -8.84
CA GLY A 19 2.25 2.27 -9.34
C GLY A 19 3.55 2.30 -8.56
N LYS A 20 3.48 2.80 -7.33
CA LYS A 20 4.67 2.91 -6.48
C LYS A 20 4.84 1.63 -5.64
N VAL A 21 6.05 1.09 -5.65
CA VAL A 21 6.35 -0.12 -4.90
C VAL A 21 6.88 0.22 -3.51
N PHE A 22 6.62 -0.66 -2.56
CA PHE A 22 7.07 -0.46 -1.19
C PHE A 22 7.67 -1.74 -0.61
N ARG A 23 8.62 -1.59 0.30
CA ARG A 23 9.27 -2.74 0.93
C ARG A 23 8.26 -3.58 1.71
N ARG A 24 7.72 -2.99 2.77
CA ARG A 24 6.74 -3.69 3.60
C ARG A 24 5.33 -3.22 3.29
N ASN A 25 4.34 -3.78 3.99
CA ASN A 25 2.95 -3.42 3.78
C ASN A 25 2.62 -2.10 4.47
N SER A 26 3.13 -1.94 5.69
CA SER A 26 2.88 -0.72 6.45
C SER A 26 3.22 0.52 5.64
N HIS A 27 4.36 0.46 4.94
CA HIS A 27 4.81 1.58 4.13
C HIS A 27 3.77 1.94 3.07
N LEU A 28 3.07 0.92 2.56
CA LEU A 28 2.05 1.14 1.55
C LEU A 28 0.76 1.67 2.17
N ALA A 29 0.49 1.23 3.40
CA ALA A 29 -0.70 1.66 4.12
C ALA A 29 -0.74 3.19 4.25
N ARG A 30 0.32 3.76 4.80
CA ARG A 30 0.40 5.20 4.98
C ARG A 30 0.35 5.93 3.63
N HIS A 31 0.88 5.28 2.60
CA HIS A 31 0.89 5.85 1.26
C HIS A 31 -0.52 5.94 0.70
N GLN A 32 -1.32 4.91 0.97
CA GLN A 32 -2.70 4.88 0.49
C GLN A 32 -3.47 6.12 0.92
N LEU A 33 -3.04 6.72 2.03
CA LEU A 33 -3.68 7.91 2.55
C LEU A 33 -3.76 9.01 1.48
N ILE A 34 -2.72 9.08 0.66
CA ILE A 34 -2.67 10.08 -0.41
C ILE A 34 -3.79 9.85 -1.43
N HIS A 35 -4.25 8.61 -1.52
CA HIS A 35 -5.32 8.27 -2.44
C HIS A 35 -6.67 8.25 -1.74
N THR A 36 -6.85 7.30 -0.84
CA THR A 36 -8.10 7.18 -0.09
C THR A 36 -7.94 7.69 1.34
N GLY A 37 -9.04 8.15 1.91
CA GLY A 37 -9.00 8.67 3.27
C GLY A 37 -10.23 8.28 4.07
N GLU A 38 -10.22 7.06 4.61
CA GLU A 38 -11.35 6.57 5.41
C GLU A 38 -10.93 6.34 6.85
N LYS A 39 -11.24 7.27 7.72
CA LYS A 39 -10.90 7.17 9.14
C LYS A 39 -12.17 7.11 10.00
N PRO A 40 -12.86 5.97 9.93
CA PRO A 40 -14.09 5.75 10.70
C PRO A 40 -13.83 5.63 12.20
N SER A 41 -12.83 4.81 12.55
CA SER A 41 -12.48 4.60 13.95
C SER A 41 -11.86 5.86 14.55
N GLY A 42 -12.64 6.55 15.38
CA GLY A 42 -12.15 7.76 16.01
C GLY A 42 -13.16 8.89 15.95
N PRO A 43 -14.21 8.80 16.80
CA PRO A 43 -15.27 9.82 16.85
C PRO A 43 -14.78 11.13 17.44
N SER A 44 -15.40 12.23 17.03
CA SER A 44 -15.03 13.55 17.51
C SER A 44 -16.05 14.07 18.52
N SER A 45 -17.30 14.19 18.08
CA SER A 45 -18.37 14.68 18.93
C SER A 45 -18.58 13.75 20.13
N GLY A 46 -18.71 12.45 19.84
CA GLY A 46 -18.93 11.48 20.89
C GLY A 46 -17.73 11.35 21.80
N GLY A 1 0.14 -15.70 6.24
CA GLY A 1 0.12 -16.78 7.20
C GLY A 1 0.63 -16.36 8.57
N SER A 2 0.20 -17.06 9.60
CA SER A 2 0.61 -16.76 10.97
C SER A 2 1.46 -17.88 11.55
N SER A 3 2.60 -18.14 10.93
CA SER A 3 3.50 -19.20 11.38
C SER A 3 4.69 -18.61 12.14
N GLY A 4 5.36 -19.45 12.92
CA GLY A 4 6.51 -19.00 13.67
C GLY A 4 7.55 -18.31 12.81
N SER A 5 7.74 -18.84 11.60
CA SER A 5 8.72 -18.28 10.67
C SER A 5 8.25 -18.45 9.23
N SER A 6 8.78 -17.62 8.34
CA SER A 6 8.42 -17.68 6.93
C SER A 6 9.63 -18.07 6.07
N GLY A 7 10.70 -17.30 6.19
CA GLY A 7 11.90 -17.57 5.42
C GLY A 7 12.65 -16.32 5.05
N THR A 8 12.55 -15.91 3.79
CA THR A 8 13.23 -14.71 3.31
C THR A 8 12.39 -13.46 3.55
N GLY A 9 11.14 -13.50 3.09
CA GLY A 9 10.25 -12.36 3.27
C GLY A 9 10.45 -11.31 2.21
N GLU A 10 10.19 -11.67 0.95
CA GLU A 10 10.34 -10.75 -0.16
C GLU A 10 9.01 -10.56 -0.89
N LYS A 11 8.12 -9.76 -0.29
CA LYS A 11 6.82 -9.50 -0.88
C LYS A 11 6.56 -8.00 -0.97
N PRO A 12 7.27 -7.32 -1.88
CA PRO A 12 7.14 -5.87 -2.08
C PRO A 12 5.80 -5.50 -2.71
N TYR A 13 4.95 -4.84 -1.93
CA TYR A 13 3.64 -4.43 -2.41
C TYR A 13 3.76 -3.31 -3.44
N LYS A 14 2.95 -3.39 -4.49
CA LYS A 14 2.96 -2.39 -5.55
C LYS A 14 1.61 -1.68 -5.65
N CYS A 15 1.57 -0.42 -5.24
CA CYS A 15 0.35 0.36 -5.29
C CYS A 15 -0.28 0.31 -6.67
N HIS A 16 -1.51 -0.18 -6.74
CA HIS A 16 -2.23 -0.28 -8.01
C HIS A 16 -2.95 1.02 -8.34
N GLU A 17 -2.73 2.03 -7.51
CA GLU A 17 -3.36 3.34 -7.71
C GLU A 17 -2.48 4.24 -8.58
N CYS A 18 -1.18 4.24 -8.29
CA CYS A 18 -0.23 5.05 -9.03
C CYS A 18 0.88 4.19 -9.64
N GLY A 19 1.27 3.15 -8.90
CA GLY A 19 2.31 2.26 -9.38
C GLY A 19 3.59 2.37 -8.57
N LYS A 20 3.44 2.80 -7.32
CA LYS A 20 4.59 2.94 -6.43
C LYS A 20 4.81 1.67 -5.61
N VAL A 21 6.03 1.14 -5.65
CA VAL A 21 6.36 -0.06 -4.92
C VAL A 21 6.92 0.27 -3.53
N PHE A 22 6.68 -0.63 -2.58
CA PHE A 22 7.15 -0.43 -1.21
C PHE A 22 7.68 -1.74 -0.63
N ARG A 23 8.55 -1.62 0.38
CA ARG A 23 9.12 -2.79 1.03
C ARG A 23 8.05 -3.62 1.72
N ARG A 24 7.54 -3.12 2.84
CA ARG A 24 6.52 -3.82 3.59
C ARG A 24 5.16 -3.13 3.44
N ASN A 25 4.09 -3.88 3.61
CA ASN A 25 2.74 -3.34 3.50
C ASN A 25 2.57 -2.09 4.37
N SER A 26 3.26 -2.08 5.51
CA SER A 26 3.19 -0.95 6.42
C SER A 26 3.50 0.36 5.69
N HIS A 27 4.43 0.29 4.74
CA HIS A 27 4.82 1.47 3.97
C HIS A 27 3.73 1.87 2.99
N LEU A 28 3.00 0.87 2.49
CA LEU A 28 1.92 1.12 1.53
C LEU A 28 0.67 1.63 2.25
N ALA A 29 0.46 1.16 3.47
CA ALA A 29 -0.69 1.57 4.25
C ALA A 29 -0.77 3.09 4.38
N ARG A 30 0.33 3.69 4.84
CA ARG A 30 0.40 5.14 5.00
C ARG A 30 0.37 5.84 3.64
N HIS A 31 0.85 5.16 2.62
CA HIS A 31 0.88 5.71 1.28
C HIS A 31 -0.54 5.91 0.74
N GLN A 32 -1.40 4.93 0.99
CA GLN A 32 -2.79 5.01 0.52
C GLN A 32 -3.47 6.26 1.05
N LEU A 33 -2.97 6.79 2.17
CA LEU A 33 -3.53 7.99 2.77
C LEU A 33 -3.55 9.14 1.77
N ILE A 34 -2.65 9.10 0.80
CA ILE A 34 -2.56 10.14 -0.22
C ILE A 34 -3.66 9.98 -1.25
N HIS A 35 -4.14 8.74 -1.41
CA HIS A 35 -5.20 8.45 -2.37
C HIS A 35 -6.57 8.59 -1.73
N THR A 36 -6.65 8.30 -0.45
CA THR A 36 -7.91 8.39 0.29
C THR A 36 -7.66 8.51 1.79
N GLY A 37 -8.52 9.26 2.46
CA GLY A 37 -8.38 9.44 3.90
C GLY A 37 -9.68 9.19 4.65
N GLU A 38 -9.63 8.30 5.63
CA GLU A 38 -10.81 7.97 6.42
C GLU A 38 -10.76 8.64 7.79
N LYS A 39 -10.47 9.94 7.79
CA LYS A 39 -10.38 10.70 9.03
C LYS A 39 -10.35 12.19 8.75
N PRO A 40 -11.49 12.75 8.33
CA PRO A 40 -11.61 14.18 8.02
C PRO A 40 -11.54 15.05 9.27
N SER A 41 -11.63 16.36 9.07
CA SER A 41 -11.57 17.30 10.18
C SER A 41 -12.95 17.48 10.82
N GLY A 42 -13.02 18.35 11.82
CA GLY A 42 -14.29 18.60 12.50
C GLY A 42 -14.53 20.07 12.76
N PRO A 43 -15.76 20.41 13.16
CA PRO A 43 -16.14 21.80 13.44
C PRO A 43 -15.49 22.32 14.72
N SER A 44 -15.50 21.48 15.77
CA SER A 44 -14.92 21.86 17.05
C SER A 44 -13.72 20.98 17.38
N SER A 45 -12.66 21.60 17.91
CA SER A 45 -11.45 20.88 18.26
C SER A 45 -10.94 20.06 17.08
N GLY A 46 -11.22 20.54 15.88
CA GLY A 46 -10.78 19.84 14.68
C GLY A 46 -10.11 20.77 13.68
N GLY A 1 -7.09 -25.13 -7.57
CA GLY A 1 -5.86 -24.52 -7.13
C GLY A 1 -6.03 -23.05 -6.81
N SER A 2 -5.16 -22.53 -5.95
CA SER A 2 -5.22 -21.13 -5.56
C SER A 2 -4.13 -20.31 -6.27
N SER A 3 -4.51 -19.13 -6.75
CA SER A 3 -3.57 -18.26 -7.45
C SER A 3 -2.56 -17.66 -6.47
N GLY A 4 -3.02 -17.38 -5.26
CA GLY A 4 -2.15 -16.80 -4.25
C GLY A 4 -1.53 -17.86 -3.35
N SER A 5 -0.33 -17.57 -2.85
CA SER A 5 0.38 -18.51 -1.97
C SER A 5 1.11 -17.75 -0.86
N SER A 6 1.37 -18.46 0.24
CA SER A 6 2.05 -17.86 1.38
C SER A 6 3.53 -18.22 1.37
N GLY A 7 4.35 -17.29 0.88
CA GLY A 7 5.78 -17.52 0.82
C GLY A 7 6.59 -16.35 1.34
N THR A 8 7.52 -16.63 2.25
CA THR A 8 8.35 -15.58 2.83
C THR A 8 9.63 -15.38 2.02
N GLY A 9 9.71 -14.28 1.29
CA GLY A 9 10.88 -14.00 0.49
C GLY A 9 10.86 -12.60 -0.09
N GLU A 10 10.79 -12.51 -1.42
CA GLU A 10 10.77 -11.22 -2.10
C GLU A 10 9.43 -11.00 -2.80
N LYS A 11 8.64 -10.08 -2.26
CA LYS A 11 7.33 -9.77 -2.83
C LYS A 11 6.73 -8.54 -2.16
N PRO A 12 7.27 -7.35 -2.49
CA PRO A 12 6.79 -6.08 -1.94
C PRO A 12 5.41 -5.70 -2.46
N TYR A 13 4.74 -4.80 -1.74
CA TYR A 13 3.41 -4.36 -2.13
C TYR A 13 3.49 -3.24 -3.16
N LYS A 14 2.92 -3.48 -4.33
CA LYS A 14 2.93 -2.49 -5.41
C LYS A 14 1.59 -1.76 -5.48
N CYS A 15 1.61 -0.47 -5.17
CA CYS A 15 0.40 0.35 -5.20
C CYS A 15 -0.25 0.30 -6.59
N HIS A 16 -1.50 -0.16 -6.64
CA HIS A 16 -2.22 -0.25 -7.90
C HIS A 16 -2.90 1.08 -8.23
N GLU A 17 -2.66 2.09 -7.40
CA GLU A 17 -3.24 3.41 -7.61
C GLU A 17 -2.33 4.28 -8.48
N CYS A 18 -1.04 4.25 -8.18
CA CYS A 18 -0.06 5.03 -8.93
C CYS A 18 1.02 4.14 -9.52
N GLY A 19 1.37 3.09 -8.78
CA GLY A 19 2.39 2.17 -9.25
C GLY A 19 3.66 2.22 -8.41
N LYS A 20 3.52 2.70 -7.17
CA LYS A 20 4.66 2.80 -6.26
C LYS A 20 4.82 1.53 -5.43
N VAL A 21 6.01 0.95 -5.48
CA VAL A 21 6.30 -0.27 -4.72
C VAL A 21 6.85 0.05 -3.34
N PHE A 22 6.54 -0.80 -2.37
CA PHE A 22 7.01 -0.61 -1.00
C PHE A 22 7.49 -1.93 -0.40
N ARG A 23 8.63 -1.88 0.26
CA ARG A 23 9.21 -3.07 0.88
C ARG A 23 8.19 -3.74 1.80
N ARG A 24 7.78 -3.03 2.85
CA ARG A 24 6.81 -3.56 3.80
C ARG A 24 5.40 -3.09 3.46
N ASN A 25 4.41 -3.66 4.14
CA ASN A 25 3.02 -3.30 3.91
C ASN A 25 2.68 -1.98 4.62
N SER A 26 3.34 -1.72 5.73
CA SER A 26 3.10 -0.50 6.50
C SER A 26 3.35 0.73 5.64
N HIS A 27 4.43 0.71 4.86
CA HIS A 27 4.77 1.83 3.99
C HIS A 27 3.65 2.10 3.00
N LEU A 28 2.88 1.07 2.67
CA LEU A 28 1.78 1.20 1.74
C LEU A 28 0.52 1.73 2.44
N ALA A 29 0.32 1.29 3.67
CA ALA A 29 -0.84 1.71 4.46
C ALA A 29 -0.92 3.24 4.53
N ARG A 30 0.18 3.86 4.95
CA ARG A 30 0.23 5.31 5.07
C ARG A 30 0.24 5.97 3.69
N HIS A 31 0.75 5.25 2.70
CA HIS A 31 0.81 5.76 1.33
C HIS A 31 -0.59 5.90 0.74
N GLN A 32 -1.45 4.93 1.02
CA GLN A 32 -2.82 4.94 0.51
C GLN A 32 -3.53 6.24 0.90
N LEU A 33 -3.08 6.84 2.00
CA LEU A 33 -3.68 8.08 2.49
C LEU A 33 -3.67 9.15 1.40
N ILE A 34 -2.64 9.14 0.57
CA ILE A 34 -2.52 10.11 -0.52
C ILE A 34 -3.62 9.90 -1.56
N HIS A 35 -4.13 8.67 -1.64
CA HIS A 35 -5.18 8.34 -2.58
C HIS A 35 -6.56 8.44 -1.92
N THR A 36 -6.80 7.58 -0.93
CA THR A 36 -8.06 7.57 -0.21
C THR A 36 -8.43 8.96 0.29
N GLY A 37 -9.51 9.51 -0.25
CA GLY A 37 -9.94 10.84 0.15
C GLY A 37 -10.58 10.85 1.53
N GLU A 38 -9.88 11.42 2.50
CA GLU A 38 -10.37 11.49 3.88
C GLU A 38 -9.65 12.59 4.66
N LYS A 39 -10.32 13.11 5.68
CA LYS A 39 -9.75 14.16 6.51
C LYS A 39 -9.61 13.69 7.96
N PRO A 40 -8.63 12.80 8.19
CA PRO A 40 -8.35 12.26 9.52
C PRO A 40 -7.77 13.32 10.47
N SER A 41 -8.65 14.11 11.07
CA SER A 41 -8.22 15.16 11.99
C SER A 41 -7.92 14.57 13.37
N GLY A 42 -6.96 15.18 14.07
CA GLY A 42 -6.60 14.71 15.39
C GLY A 42 -7.29 15.49 16.49
N PRO A 43 -6.92 15.20 17.75
CA PRO A 43 -7.50 15.87 18.92
C PRO A 43 -7.07 17.32 19.03
N SER A 44 -5.83 17.60 18.62
CA SER A 44 -5.29 18.95 18.68
C SER A 44 -5.09 19.51 17.27
N SER A 45 -5.99 19.16 16.36
CA SER A 45 -5.90 19.62 14.99
C SER A 45 -4.59 19.17 14.34
N GLY A 46 -4.22 17.91 14.57
CA GLY A 46 -2.99 17.39 14.00
C GLY A 46 -2.42 16.26 14.84
N GLY A 1 -5.43 -23.32 -9.90
CA GLY A 1 -4.65 -22.11 -9.70
C GLY A 1 -3.43 -22.37 -8.83
N SER A 2 -2.64 -21.32 -8.61
CA SER A 2 -1.42 -21.43 -7.81
C SER A 2 -1.12 -20.11 -7.11
N SER A 3 -0.21 -20.16 -6.13
CA SER A 3 0.18 -18.97 -5.38
C SER A 3 1.49 -19.19 -4.64
N GLY A 4 2.28 -18.13 -4.51
CA GLY A 4 3.55 -18.23 -3.83
C GLY A 4 3.49 -17.69 -2.41
N SER A 5 2.72 -18.35 -1.56
CA SER A 5 2.57 -17.93 -0.17
C SER A 5 3.70 -18.50 0.69
N SER A 6 4.19 -19.67 0.32
CA SER A 6 5.26 -20.33 1.05
C SER A 6 6.60 -19.64 0.79
N GLY A 7 7.38 -19.44 1.85
CA GLY A 7 8.67 -18.80 1.72
C GLY A 7 8.60 -17.30 1.96
N THR A 8 8.11 -16.93 3.13
CA THR A 8 7.98 -15.52 3.50
C THR A 8 9.34 -14.83 3.46
N GLY A 9 9.34 -13.54 3.11
CA GLY A 9 10.58 -12.79 3.05
C GLY A 9 10.57 -11.76 1.93
N GLU A 10 10.37 -12.22 0.70
CA GLU A 10 10.34 -11.34 -0.46
C GLU A 10 8.94 -11.22 -1.02
N LYS A 11 8.26 -10.13 -0.69
CA LYS A 11 6.90 -9.88 -1.15
C LYS A 11 6.55 -8.40 -1.08
N PRO A 12 7.20 -7.60 -1.93
CA PRO A 12 6.97 -6.15 -1.98
C PRO A 12 5.60 -5.80 -2.54
N TYR A 13 4.91 -4.87 -1.88
CA TYR A 13 3.58 -4.44 -2.31
C TYR A 13 3.69 -3.33 -3.35
N LYS A 14 2.78 -3.34 -4.32
CA LYS A 14 2.76 -2.33 -5.37
C LYS A 14 1.42 -1.59 -5.39
N CYS A 15 1.49 -0.27 -5.32
CA CYS A 15 0.29 0.57 -5.32
C CYS A 15 -0.37 0.54 -6.70
N HIS A 16 -1.63 0.10 -6.73
CA HIS A 16 -2.38 0.02 -7.98
C HIS A 16 -3.01 1.37 -8.31
N GLU A 17 -2.75 2.37 -7.46
CA GLU A 17 -3.30 3.70 -7.67
C GLU A 17 -2.36 4.54 -8.52
N CYS A 18 -1.07 4.47 -8.23
CA CYS A 18 -0.07 5.22 -8.97
C CYS A 18 0.98 4.29 -9.57
N GLY A 19 1.31 3.24 -8.85
CA GLY A 19 2.29 2.28 -9.34
C GLY A 19 3.58 2.32 -8.54
N LYS A 20 3.49 2.79 -7.30
CA LYS A 20 4.65 2.88 -6.43
C LYS A 20 4.84 1.60 -5.63
N VAL A 21 6.04 1.04 -5.69
CA VAL A 21 6.34 -0.19 -4.96
C VAL A 21 6.96 0.11 -3.60
N PHE A 22 6.66 -0.74 -2.63
CA PHE A 22 7.17 -0.57 -1.28
C PHE A 22 7.75 -1.88 -0.74
N ARG A 23 8.67 -1.77 0.22
CA ARG A 23 9.29 -2.94 0.81
C ARG A 23 8.31 -3.69 1.71
N ARG A 24 7.84 -3.01 2.75
CA ARG A 24 6.89 -3.61 3.69
C ARG A 24 5.46 -3.24 3.33
N ASN A 25 4.52 -3.69 4.15
CA ASN A 25 3.10 -3.40 3.92
C ASN A 25 2.70 -2.09 4.58
N SER A 26 3.25 -1.84 5.76
CA SER A 26 2.94 -0.61 6.50
C SER A 26 3.24 0.62 5.66
N HIS A 27 4.39 0.60 4.98
CA HIS A 27 4.79 1.72 4.13
C HIS A 27 3.72 2.03 3.10
N LEU A 28 3.09 0.99 2.57
CA LEU A 28 2.04 1.15 1.57
C LEU A 28 0.75 1.65 2.20
N ALA A 29 0.46 1.15 3.40
CA ALA A 29 -0.75 1.55 4.11
C ALA A 29 -0.82 3.06 4.26
N ARG A 30 0.24 3.66 4.80
CA ARG A 30 0.30 5.10 5.00
C ARG A 30 0.29 5.83 3.66
N HIS A 31 0.80 5.17 2.62
CA HIS A 31 0.87 5.76 1.30
C HIS A 31 -0.53 5.88 0.69
N GLN A 32 -1.35 4.85 0.89
CA GLN A 32 -2.72 4.84 0.37
C GLN A 32 -3.49 6.06 0.85
N LEU A 33 -3.09 6.60 2.00
CA LEU A 33 -3.74 7.77 2.57
C LEU A 33 -3.79 8.91 1.57
N ILE A 34 -2.75 9.01 0.73
CA ILE A 34 -2.68 10.05 -0.28
C ILE A 34 -3.76 9.87 -1.34
N HIS A 35 -4.20 8.63 -1.52
CA HIS A 35 -5.24 8.33 -2.50
C HIS A 35 -6.62 8.36 -1.86
N THR A 36 -6.82 7.50 -0.86
CA THR A 36 -8.09 7.42 -0.15
C THR A 36 -8.50 8.78 0.39
N GLY A 37 -9.68 9.24 -0.02
CA GLY A 37 -10.17 10.54 0.44
C GLY A 37 -11.68 10.55 0.62
N GLU A 38 -12.27 11.72 0.44
CA GLU A 38 -13.72 11.87 0.58
C GLU A 38 -14.35 12.31 -0.73
N LYS A 39 -15.24 11.48 -1.27
CA LYS A 39 -15.92 11.78 -2.52
C LYS A 39 -14.91 12.06 -3.63
N PRO A 40 -14.23 11.00 -4.10
CA PRO A 40 -13.23 11.11 -5.17
C PRO A 40 -13.87 11.42 -6.51
N SER A 41 -15.17 11.17 -6.64
CA SER A 41 -15.89 11.42 -7.88
C SER A 41 -17.06 12.35 -7.64
N GLY A 42 -16.88 13.31 -6.73
CA GLY A 42 -17.95 14.26 -6.42
C GLY A 42 -19.14 13.59 -5.78
N PRO A 43 -20.18 14.40 -5.47
CA PRO A 43 -21.41 13.90 -4.84
C PRO A 43 -22.23 13.03 -5.78
N SER A 44 -22.86 12.00 -5.24
CA SER A 44 -23.68 11.09 -6.03
C SER A 44 -24.89 10.62 -5.23
N SER A 45 -25.91 10.15 -5.95
CA SER A 45 -27.13 9.67 -5.31
C SER A 45 -27.09 8.15 -5.13
N GLY A 46 -27.20 7.43 -6.23
CA GLY A 46 -27.18 5.97 -6.18
C GLY A 46 -26.60 5.36 -7.43
N GLY A 1 22.04 0.01 -20.87
CA GLY A 1 22.79 0.05 -19.63
C GLY A 1 23.15 -1.32 -19.11
N SER A 2 23.43 -1.41 -17.82
CA SER A 2 23.78 -2.69 -17.20
C SER A 2 22.74 -3.11 -16.17
N SER A 3 22.97 -4.25 -15.54
CA SER A 3 22.04 -4.77 -14.54
C SER A 3 22.27 -4.09 -13.19
N GLY A 4 21.32 -4.26 -12.28
CA GLY A 4 21.44 -3.66 -10.97
C GLY A 4 20.72 -4.46 -9.89
N SER A 5 21.35 -4.60 -8.73
CA SER A 5 20.78 -5.34 -7.63
C SER A 5 20.55 -4.45 -6.41
N SER A 6 19.74 -3.41 -6.59
CA SER A 6 19.45 -2.48 -5.52
C SER A 6 18.07 -2.73 -4.93
N GLY A 7 17.73 -4.01 -4.75
CA GLY A 7 16.44 -4.37 -4.19
C GLY A 7 16.44 -5.77 -3.59
N THR A 8 16.03 -5.85 -2.34
CA THR A 8 15.98 -7.14 -1.64
C THR A 8 14.67 -7.30 -0.87
N GLY A 9 13.79 -8.14 -1.40
CA GLY A 9 12.50 -8.37 -0.75
C GLY A 9 11.94 -9.74 -1.06
N GLU A 10 10.89 -10.13 -0.33
CA GLU A 10 10.26 -11.43 -0.53
C GLU A 10 8.88 -11.26 -1.16
N LYS A 11 8.25 -10.13 -0.91
CA LYS A 11 6.92 -9.86 -1.45
C LYS A 11 6.56 -8.39 -1.27
N PRO A 12 7.19 -7.52 -2.07
CA PRO A 12 6.95 -6.07 -2.02
C PRO A 12 5.57 -5.70 -2.56
N TYR A 13 4.87 -4.83 -1.82
CA TYR A 13 3.55 -4.39 -2.22
C TYR A 13 3.62 -3.27 -3.25
N LYS A 14 2.76 -3.33 -4.26
CA LYS A 14 2.73 -2.32 -5.31
C LYS A 14 1.38 -1.60 -5.32
N CYS A 15 1.44 -0.26 -5.33
CA CYS A 15 0.23 0.54 -5.35
C CYS A 15 -0.42 0.52 -6.73
N HIS A 16 -1.66 0.07 -6.78
CA HIS A 16 -2.41 0.01 -8.04
C HIS A 16 -3.01 1.35 -8.38
N GLU A 17 -2.78 2.35 -7.53
CA GLU A 17 -3.31 3.69 -7.75
C GLU A 17 -2.35 4.52 -8.58
N CYS A 18 -1.05 4.41 -8.29
CA CYS A 18 -0.03 5.15 -9.01
C CYS A 18 1.03 4.20 -9.58
N GLY A 19 1.37 3.18 -8.81
CA GLY A 19 2.36 2.22 -9.26
C GLY A 19 3.64 2.30 -8.45
N LYS A 20 3.53 2.81 -7.22
CA LYS A 20 4.69 2.93 -6.35
C LYS A 20 4.86 1.69 -5.49
N VAL A 21 5.95 0.96 -5.73
CA VAL A 21 6.24 -0.26 -4.98
C VAL A 21 6.96 0.06 -3.67
N PHE A 22 6.65 -0.72 -2.63
CA PHE A 22 7.27 -0.53 -1.33
C PHE A 22 7.91 -1.82 -0.84
N ARG A 23 8.65 -1.73 0.26
CA ARG A 23 9.32 -2.88 0.85
C ARG A 23 8.36 -3.67 1.75
N ARG A 24 7.75 -2.97 2.70
CA ARG A 24 6.82 -3.60 3.62
C ARG A 24 5.39 -3.15 3.34
N ASN A 25 4.44 -3.71 4.10
CA ASN A 25 3.03 -3.37 3.93
C ASN A 25 2.70 -2.05 4.62
N SER A 26 3.23 -1.87 5.82
CA SER A 26 2.99 -0.64 6.58
C SER A 26 3.31 0.60 5.75
N HIS A 27 4.44 0.54 5.03
CA HIS A 27 4.85 1.65 4.19
C HIS A 27 3.77 2.01 3.17
N LEU A 28 3.10 0.98 2.65
CA LEU A 28 2.04 1.18 1.67
C LEU A 28 0.76 1.66 2.33
N ALA A 29 0.51 1.16 3.54
CA ALA A 29 -0.68 1.54 4.29
C ALA A 29 -0.81 3.05 4.40
N ARG A 30 0.25 3.69 4.87
CA ARG A 30 0.28 5.14 5.03
C ARG A 30 0.27 5.83 3.67
N HIS A 31 0.77 5.15 2.66
CA HIS A 31 0.82 5.70 1.30
C HIS A 31 -0.59 5.80 0.71
N GLN A 32 -1.41 4.80 0.97
CA GLN A 32 -2.77 4.77 0.47
C GLN A 32 -3.52 6.04 0.86
N LEU A 33 -3.11 6.66 1.97
CA LEU A 33 -3.74 7.88 2.45
C LEU A 33 -3.76 8.94 1.37
N ILE A 34 -2.67 9.05 0.63
CA ILE A 34 -2.56 10.03 -0.44
C ILE A 34 -3.67 9.84 -1.47
N HIS A 35 -4.20 8.62 -1.56
CA HIS A 35 -5.27 8.31 -2.50
C HIS A 35 -6.62 8.31 -1.79
N THR A 36 -6.84 7.31 -0.93
CA THR A 36 -8.09 7.18 -0.20
C THR A 36 -7.98 7.83 1.18
N GLY A 37 -9.13 8.23 1.73
CA GLY A 37 -9.14 8.85 3.04
C GLY A 37 -10.43 8.60 3.79
N GLU A 38 -10.77 7.32 3.96
CA GLU A 38 -11.99 6.94 4.66
C GLU A 38 -11.67 6.42 6.06
N LYS A 39 -11.23 7.31 6.94
CA LYS A 39 -10.90 6.93 8.30
C LYS A 39 -11.22 8.06 9.27
N PRO A 40 -12.51 8.27 9.53
CA PRO A 40 -12.99 9.31 10.44
C PRO A 40 -12.65 9.01 11.90
N SER A 41 -12.84 7.75 12.29
CA SER A 41 -12.57 7.32 13.65
C SER A 41 -11.07 7.16 13.88
N GLY A 42 -10.57 7.75 14.96
CA GLY A 42 -9.15 7.66 15.27
C GLY A 42 -8.69 6.22 15.45
N PRO A 43 -7.43 6.05 15.86
CA PRO A 43 -6.84 4.73 16.09
C PRO A 43 -7.43 4.02 17.30
N SER A 44 -7.48 2.71 17.24
CA SER A 44 -8.02 1.91 18.35
C SER A 44 -6.92 1.19 19.10
N SER A 45 -7.25 0.69 20.29
CA SER A 45 -6.27 -0.01 21.11
C SER A 45 -6.53 -1.52 21.09
N GLY A 46 -5.45 -2.30 21.15
CA GLY A 46 -5.57 -3.74 21.12
C GLY A 46 -4.28 -4.43 20.78
N GLY A 1 -9.34 -12.62 13.87
CA GLY A 1 -7.90 -12.50 14.07
C GLY A 1 -7.11 -13.06 12.90
N SER A 2 -5.80 -13.09 13.04
CA SER A 2 -4.92 -13.60 11.99
C SER A 2 -5.00 -15.12 11.91
N SER A 3 -5.20 -15.64 10.71
CA SER A 3 -5.30 -17.08 10.49
C SER A 3 -4.20 -17.56 9.56
N GLY A 4 -2.95 -17.28 9.92
CA GLY A 4 -1.83 -17.70 9.10
C GLY A 4 -0.50 -17.27 9.68
N SER A 5 0.60 -17.66 9.02
CA SER A 5 1.93 -17.32 9.48
C SER A 5 2.91 -17.25 8.31
N SER A 6 3.98 -16.49 8.49
CA SER A 6 4.99 -16.34 7.45
C SER A 6 6.39 -16.41 8.04
N GLY A 7 7.24 -17.25 7.45
CA GLY A 7 8.59 -17.40 7.93
C GLY A 7 9.54 -16.38 7.32
N THR A 8 9.66 -16.41 6.00
CA THR A 8 10.54 -15.48 5.29
C THR A 8 10.29 -15.52 3.79
N GLY A 9 10.61 -14.42 3.11
CA GLY A 9 10.42 -14.36 1.68
C GLY A 9 10.39 -12.92 1.16
N GLU A 10 10.15 -12.76 -0.14
CA GLU A 10 10.10 -11.45 -0.75
C GLU A 10 8.77 -11.22 -1.44
N LYS A 11 8.02 -10.23 -0.95
CA LYS A 11 6.71 -9.91 -1.52
C LYS A 11 6.38 -8.43 -1.32
N PRO A 12 7.09 -7.57 -2.05
CA PRO A 12 6.88 -6.12 -1.98
C PRO A 12 5.55 -5.68 -2.57
N TYR A 13 4.86 -4.79 -1.88
CA TYR A 13 3.56 -4.30 -2.33
C TYR A 13 3.74 -3.24 -3.40
N LYS A 14 2.85 -3.26 -4.39
CA LYS A 14 2.90 -2.29 -5.48
C LYS A 14 1.57 -1.56 -5.61
N CYS A 15 1.57 -0.28 -5.25
CA CYS A 15 0.36 0.54 -5.33
C CYS A 15 -0.26 0.45 -6.72
N HIS A 16 -1.49 -0.04 -6.78
CA HIS A 16 -2.20 -0.18 -8.05
C HIS A 16 -2.89 1.13 -8.43
N GLU A 17 -2.73 2.14 -7.58
CA GLU A 17 -3.34 3.44 -7.82
C GLU A 17 -2.41 4.34 -8.62
N CYS A 18 -1.12 4.30 -8.29
CA CYS A 18 -0.12 5.10 -8.99
C CYS A 18 0.97 4.23 -9.58
N GLY A 19 1.31 3.15 -8.88
CA GLY A 19 2.34 2.25 -9.36
C GLY A 19 3.61 2.34 -8.55
N LYS A 20 3.49 2.76 -7.29
CA LYS A 20 4.63 2.89 -6.40
C LYS A 20 4.85 1.61 -5.60
N VAL A 21 6.07 1.08 -5.66
CA VAL A 21 6.40 -0.14 -4.93
C VAL A 21 6.96 0.19 -3.55
N PHE A 22 6.71 -0.70 -2.60
CA PHE A 22 7.18 -0.51 -1.23
C PHE A 22 7.78 -1.81 -0.68
N ARG A 23 8.56 -1.68 0.39
CA ARG A 23 9.20 -2.84 1.01
C ARG A 23 8.20 -3.61 1.88
N ARG A 24 7.72 -2.95 2.93
CA ARG A 24 6.76 -3.57 3.84
C ARG A 24 5.33 -3.12 3.51
N ASN A 25 4.36 -3.82 4.09
CA ASN A 25 2.96 -3.50 3.87
C ASN A 25 2.58 -2.17 4.52
N SER A 26 3.21 -1.88 5.65
CA SER A 26 2.94 -0.64 6.38
C SER A 26 3.30 0.57 5.53
N HIS A 27 4.47 0.53 4.92
CA HIS A 27 4.94 1.62 4.07
C HIS A 27 3.89 1.99 3.02
N LEU A 28 3.14 0.98 2.58
CA LEU A 28 2.10 1.19 1.57
C LEU A 28 0.81 1.70 2.22
N ALA A 29 0.54 1.24 3.44
CA ALA A 29 -0.66 1.66 4.16
C ALA A 29 -0.70 3.17 4.31
N ARG A 30 0.37 3.74 4.87
CA ARG A 30 0.46 5.18 5.07
C ARG A 30 0.41 5.92 3.73
N HIS A 31 0.86 5.26 2.68
CA HIS A 31 0.87 5.85 1.35
C HIS A 31 -0.55 5.95 0.78
N GLN A 32 -1.36 4.93 1.05
CA GLN A 32 -2.73 4.90 0.58
C GLN A 32 -3.50 6.14 1.03
N LEU A 33 -3.05 6.72 2.14
CA LEU A 33 -3.70 7.91 2.69
C LEU A 33 -3.77 9.02 1.65
N ILE A 34 -2.81 9.03 0.73
CA ILE A 34 -2.77 10.03 -0.33
C ILE A 34 -3.86 9.80 -1.36
N HIS A 35 -4.30 8.54 -1.49
CA HIS A 35 -5.35 8.19 -2.43
C HIS A 35 -6.72 8.26 -1.78
N THR A 36 -6.82 7.70 -0.56
CA THR A 36 -8.08 7.71 0.17
C THR A 36 -7.92 8.37 1.54
N GLY A 37 -9.00 8.97 2.03
CA GLY A 37 -8.95 9.63 3.33
C GLY A 37 -9.77 10.90 3.34
N GLU A 38 -9.22 11.95 3.96
CA GLU A 38 -9.91 13.22 4.06
C GLU A 38 -8.92 14.39 4.05
N LYS A 39 -9.02 15.23 3.03
CA LYS A 39 -8.13 16.38 2.91
C LYS A 39 -6.67 15.94 2.96
N PRO A 40 -6.20 15.30 1.88
CA PRO A 40 -4.82 14.81 1.80
C PRO A 40 -3.82 15.95 1.65
N SER A 41 -3.43 16.54 2.77
CA SER A 41 -2.49 17.65 2.77
C SER A 41 -1.07 17.16 2.47
N GLY A 42 -0.66 16.11 3.18
CA GLY A 42 0.66 15.56 2.97
C GLY A 42 1.29 15.06 4.26
N PRO A 43 2.42 14.36 4.14
CA PRO A 43 3.15 13.82 5.29
C PRO A 43 3.79 14.91 6.13
N SER A 44 4.20 14.54 7.35
CA SER A 44 4.84 15.50 8.25
C SER A 44 6.36 15.44 8.12
N SER A 45 6.85 15.64 6.90
CA SER A 45 8.28 15.61 6.64
C SER A 45 8.97 16.83 7.23
N GLY A 46 9.79 16.61 8.25
CA GLY A 46 10.49 17.70 8.89
C GLY A 46 11.96 17.76 8.48
N GLY A 1 19.61 -19.32 -24.83
CA GLY A 1 18.92 -18.49 -23.86
C GLY A 1 18.47 -19.27 -22.64
N SER A 2 19.44 -19.78 -21.88
CA SER A 2 19.13 -20.56 -20.68
C SER A 2 19.13 -19.67 -19.44
N SER A 3 17.95 -19.20 -19.06
CA SER A 3 17.80 -18.33 -17.90
C SER A 3 16.39 -18.42 -17.34
N GLY A 4 16.29 -18.69 -16.04
CA GLY A 4 14.99 -18.79 -15.40
C GLY A 4 15.01 -19.68 -14.17
N SER A 5 14.11 -19.42 -13.23
CA SER A 5 14.03 -20.22 -12.01
C SER A 5 12.71 -19.97 -11.29
N SER A 6 11.99 -21.06 -11.01
CA SER A 6 10.70 -20.97 -10.33
C SER A 6 10.90 -20.81 -8.82
N GLY A 7 10.48 -19.66 -8.29
CA GLY A 7 10.62 -19.41 -6.88
C GLY A 7 10.88 -17.95 -6.56
N THR A 8 10.53 -17.53 -5.35
CA THR A 8 10.73 -16.15 -4.94
C THR A 8 10.93 -16.06 -3.43
N GLY A 9 11.65 -15.02 -2.99
CA GLY A 9 11.90 -14.83 -1.57
C GLY A 9 11.13 -13.67 -1.00
N GLU A 10 11.36 -12.48 -1.55
CA GLU A 10 10.68 -11.27 -1.08
C GLU A 10 9.30 -11.14 -1.72
N LYS A 11 8.61 -10.05 -1.42
CA LYS A 11 7.28 -9.81 -1.97
C LYS A 11 6.79 -8.41 -1.60
N PRO A 12 7.43 -7.38 -2.17
CA PRO A 12 7.08 -5.98 -1.93
C PRO A 12 5.73 -5.61 -2.53
N TYR A 13 4.96 -4.82 -1.80
CA TYR A 13 3.64 -4.38 -2.27
C TYR A 13 3.77 -3.30 -3.33
N LYS A 14 2.90 -3.37 -4.33
CA LYS A 14 2.91 -2.39 -5.42
C LYS A 14 1.57 -1.66 -5.50
N CYS A 15 1.59 -0.38 -5.14
CA CYS A 15 0.37 0.44 -5.17
C CYS A 15 -0.31 0.35 -6.54
N HIS A 16 -1.54 -0.16 -6.56
CA HIS A 16 -2.29 -0.29 -7.79
C HIS A 16 -3.00 1.01 -8.15
N GLU A 17 -2.77 2.03 -7.33
CA GLU A 17 -3.39 3.34 -7.56
C GLU A 17 -2.50 4.21 -8.45
N CYS A 18 -1.19 4.17 -8.19
CA CYS A 18 -0.24 4.96 -8.95
C CYS A 18 0.83 4.07 -9.57
N GLY A 19 1.23 3.03 -8.83
CA GLY A 19 2.24 2.11 -9.32
C GLY A 19 3.53 2.21 -8.54
N LYS A 20 3.44 2.69 -7.30
CA LYS A 20 4.61 2.82 -6.44
C LYS A 20 4.83 1.56 -5.62
N VAL A 21 6.06 1.04 -5.65
CA VAL A 21 6.40 -0.16 -4.91
C VAL A 21 6.95 0.20 -3.52
N PHE A 22 6.73 -0.70 -2.56
CA PHE A 22 7.19 -0.49 -1.20
C PHE A 22 7.69 -1.79 -0.59
N ARG A 23 8.67 -1.69 0.31
CA ARG A 23 9.24 -2.86 0.96
C ARG A 23 8.15 -3.67 1.65
N ARG A 24 7.65 -3.14 2.76
CA ARG A 24 6.61 -3.83 3.52
C ARG A 24 5.24 -3.22 3.22
N ASN A 25 4.22 -3.69 3.93
CA ASN A 25 2.85 -3.20 3.75
C ASN A 25 2.60 -1.96 4.60
N SER A 26 3.24 -1.92 5.77
CA SER A 26 3.08 -0.78 6.67
C SER A 26 3.36 0.53 5.96
N HIS A 27 4.30 0.50 5.02
CA HIS A 27 4.68 1.69 4.26
C HIS A 27 3.60 2.03 3.24
N LEU A 28 3.01 1.02 2.64
CA LEU A 28 1.96 1.21 1.64
C LEU A 28 0.66 1.67 2.30
N ALA A 29 0.40 1.15 3.50
CA ALA A 29 -0.81 1.51 4.24
C ALA A 29 -0.97 3.02 4.34
N ARG A 30 0.11 3.69 4.76
CA ARG A 30 0.08 5.14 4.91
C ARG A 30 0.14 5.82 3.55
N HIS A 31 0.70 5.14 2.56
CA HIS A 31 0.82 5.68 1.21
C HIS A 31 -0.55 5.73 0.54
N GLN A 32 -1.48 4.92 1.01
CA GLN A 32 -2.82 4.88 0.45
C GLN A 32 -3.63 6.10 0.88
N LEU A 33 -3.19 6.75 1.95
CA LEU A 33 -3.87 7.94 2.45
C LEU A 33 -3.75 9.10 1.46
N ILE A 34 -2.58 9.21 0.84
CA ILE A 34 -2.34 10.28 -0.14
C ILE A 34 -3.37 10.22 -1.26
N HIS A 35 -3.94 9.05 -1.49
CA HIS A 35 -4.94 8.87 -2.53
C HIS A 35 -6.34 9.21 -2.02
N THR A 36 -6.53 9.07 -0.70
CA THR A 36 -7.81 9.35 -0.08
C THR A 36 -7.82 10.73 0.57
N GLY A 37 -9.01 11.21 0.92
CA GLY A 37 -9.12 12.51 1.55
C GLY A 37 -10.13 12.52 2.69
N GLU A 38 -9.64 12.45 3.92
CA GLU A 38 -10.51 12.44 5.09
C GLU A 38 -11.33 13.73 5.16
N LYS A 39 -12.63 13.60 4.93
CA LYS A 39 -13.53 14.76 4.97
C LYS A 39 -14.97 14.31 5.12
N PRO A 40 -15.33 13.85 6.33
CA PRO A 40 -16.69 13.39 6.64
C PRO A 40 -17.69 14.53 6.67
N SER A 41 -17.30 15.64 7.29
CA SER A 41 -18.17 16.80 7.40
C SER A 41 -18.64 17.26 6.02
N GLY A 42 -19.59 18.19 6.01
CA GLY A 42 -20.11 18.69 4.74
C GLY A 42 -21.14 19.80 4.95
N PRO A 43 -22.34 19.42 5.37
CA PRO A 43 -23.44 20.37 5.60
C PRO A 43 -23.17 21.26 6.82
N SER A 44 -22.66 22.46 6.57
CA SER A 44 -22.37 23.41 7.65
C SER A 44 -23.60 23.63 8.53
N SER A 45 -23.37 24.17 9.72
CA SER A 45 -24.47 24.44 10.65
C SER A 45 -24.73 25.93 10.76
N GLY A 46 -24.55 26.64 9.66
CA GLY A 46 -24.78 28.08 9.65
C GLY A 46 -25.62 28.52 8.48
N GLY A 1 -0.04 -23.36 11.33
CA GLY A 1 -0.72 -24.57 10.91
C GLY A 1 -1.90 -24.30 10.01
N SER A 2 -2.43 -23.08 10.08
CA SER A 2 -3.57 -22.68 9.26
C SER A 2 -3.12 -21.96 8.01
N SER A 3 -1.98 -22.39 7.46
CA SER A 3 -1.43 -21.78 6.25
C SER A 3 -0.42 -22.70 5.59
N GLY A 4 -0.60 -22.92 4.29
CA GLY A 4 0.31 -23.79 3.54
C GLY A 4 1.67 -23.15 3.33
N SER A 5 2.29 -23.48 2.21
CA SER A 5 3.61 -22.95 1.87
C SER A 5 3.50 -21.78 0.89
N SER A 6 3.32 -20.58 1.42
CA SER A 6 3.20 -19.39 0.59
C SER A 6 4.48 -18.58 0.60
N GLY A 7 4.80 -17.98 1.75
CA GLY A 7 6.00 -17.19 1.87
C GLY A 7 5.80 -15.96 2.73
N THR A 8 6.81 -15.63 3.52
CA THR A 8 6.74 -14.46 4.40
C THR A 8 7.01 -13.18 3.63
N GLY A 9 7.80 -13.28 2.56
CA GLY A 9 8.12 -12.12 1.76
C GLY A 9 7.03 -11.79 0.76
N GLU A 10 6.78 -12.71 -0.16
CA GLU A 10 5.75 -12.51 -1.18
C GLU A 10 6.01 -11.23 -1.97
N LYS A 11 7.28 -10.83 -2.03
CA LYS A 11 7.67 -9.62 -2.75
C LYS A 11 7.02 -8.39 -2.14
N PRO A 12 7.59 -7.21 -2.43
CA PRO A 12 7.08 -5.94 -1.91
C PRO A 12 5.75 -5.55 -2.52
N TYR A 13 4.92 -4.86 -1.74
CA TYR A 13 3.60 -4.44 -2.20
C TYR A 13 3.72 -3.33 -3.24
N LYS A 14 2.94 -3.45 -4.31
CA LYS A 14 2.95 -2.46 -5.38
C LYS A 14 1.61 -1.75 -5.47
N CYS A 15 1.61 -0.45 -5.12
CA CYS A 15 0.39 0.35 -5.17
C CYS A 15 -0.26 0.27 -6.55
N HIS A 16 -1.50 -0.19 -6.59
CA HIS A 16 -2.23 -0.31 -7.85
C HIS A 16 -2.92 1.01 -8.21
N GLU A 17 -2.69 2.03 -7.39
CA GLU A 17 -3.28 3.34 -7.61
C GLU A 17 -2.39 4.20 -8.51
N CYS A 18 -1.10 4.22 -8.19
CA CYS A 18 -0.14 5.01 -8.95
C CYS A 18 0.96 4.12 -9.53
N GLY A 19 1.32 3.08 -8.79
CA GLY A 19 2.34 2.16 -9.24
C GLY A 19 3.61 2.25 -8.40
N LYS A 20 3.47 2.70 -7.17
CA LYS A 20 4.60 2.84 -6.27
C LYS A 20 4.79 1.57 -5.45
N VAL A 21 6.01 1.02 -5.48
CA VAL A 21 6.32 -0.19 -4.73
C VAL A 21 6.87 0.13 -3.35
N PHE A 22 6.61 -0.75 -2.39
CA PHE A 22 7.08 -0.55 -1.02
C PHE A 22 7.55 -1.87 -0.42
N ARG A 23 8.64 -1.82 0.33
CA ARG A 23 9.18 -3.02 0.97
C ARG A 23 8.11 -3.74 1.78
N ARG A 24 7.65 -3.10 2.84
CA ARG A 24 6.62 -3.68 3.71
C ARG A 24 5.26 -3.05 3.42
N ASN A 25 4.21 -3.65 3.98
CA ASN A 25 2.86 -3.14 3.80
C ASN A 25 2.64 -1.86 4.59
N SER A 26 3.31 -1.76 5.74
CA SER A 26 3.18 -0.58 6.60
C SER A 26 3.44 0.70 5.80
N HIS A 27 4.39 0.63 4.88
CA HIS A 27 4.74 1.78 4.05
C HIS A 27 3.62 2.08 3.05
N LEU A 28 2.97 1.03 2.57
CA LEU A 28 1.89 1.19 1.61
C LEU A 28 0.61 1.67 2.29
N ALA A 29 0.44 1.29 3.56
CA ALA A 29 -0.73 1.68 4.33
C ALA A 29 -0.84 3.20 4.41
N ARG A 30 0.21 3.84 4.92
CA ARG A 30 0.23 5.29 5.05
C ARG A 30 0.23 5.96 3.68
N HIS A 31 0.76 5.26 2.69
CA HIS A 31 0.81 5.79 1.33
C HIS A 31 -0.58 5.94 0.73
N GLN A 32 -1.44 4.96 1.01
CA GLN A 32 -2.81 4.98 0.50
C GLN A 32 -3.53 6.26 0.92
N LEU A 33 -3.08 6.84 2.03
CA LEU A 33 -3.68 8.07 2.54
C LEU A 33 -3.68 9.16 1.47
N ILE A 34 -2.67 9.16 0.62
CA ILE A 34 -2.56 10.14 -0.45
C ILE A 34 -3.65 9.94 -1.50
N HIS A 35 -4.14 8.71 -1.60
CA HIS A 35 -5.20 8.39 -2.56
C HIS A 35 -6.58 8.52 -1.91
N THR A 36 -6.79 7.77 -0.83
CA THR A 36 -8.06 7.81 -0.13
C THR A 36 -7.89 8.31 1.30
N GLY A 37 -8.71 9.28 1.68
CA GLY A 37 -8.63 9.84 3.03
C GLY A 37 -9.95 10.42 3.49
N GLU A 38 -10.01 11.74 3.62
CA GLU A 38 -11.23 12.40 4.06
C GLU A 38 -11.21 13.88 3.67
N LYS A 39 -12.37 14.39 3.26
CA LYS A 39 -12.49 15.78 2.85
C LYS A 39 -11.44 16.14 1.80
N PRO A 40 -11.65 15.64 0.57
CA PRO A 40 -10.75 15.90 -0.55
C PRO A 40 -10.79 17.35 -1.02
N SER A 41 -9.64 18.02 -0.98
CA SER A 41 -9.55 19.41 -1.40
C SER A 41 -9.18 19.51 -2.87
N GLY A 42 -10.11 20.04 -3.67
CA GLY A 42 -9.86 20.18 -5.09
C GLY A 42 -10.74 21.24 -5.73
N PRO A 43 -10.49 21.54 -7.02
CA PRO A 43 -11.26 22.53 -7.76
C PRO A 43 -12.69 22.07 -8.04
N SER A 44 -12.87 20.76 -8.16
CA SER A 44 -14.18 20.19 -8.43
C SER A 44 -15.17 20.55 -7.33
N SER A 45 -16.45 20.30 -7.58
CA SER A 45 -17.51 20.60 -6.61
C SER A 45 -18.39 19.39 -6.37
N GLY A 46 -18.90 19.28 -5.15
CA GLY A 46 -19.76 18.15 -4.80
C GLY A 46 -18.97 16.88 -4.54
N GLY A 1 6.36 -21.35 -21.71
CA GLY A 1 7.10 -22.19 -20.81
C GLY A 1 6.99 -21.72 -19.36
N SER A 2 7.47 -22.55 -18.44
CA SER A 2 7.42 -22.22 -17.02
C SER A 2 8.58 -21.31 -16.63
N SER A 3 8.54 -20.81 -15.39
CA SER A 3 9.58 -19.91 -14.90
C SER A 3 10.45 -20.62 -13.86
N GLY A 4 11.76 -20.42 -13.95
CA GLY A 4 12.67 -21.05 -13.01
C GLY A 4 13.04 -20.13 -11.86
N SER A 5 12.19 -20.09 -10.84
CA SER A 5 12.42 -19.25 -9.67
C SER A 5 12.34 -20.06 -8.39
N SER A 6 13.39 -19.99 -7.57
CA SER A 6 13.44 -20.72 -6.32
C SER A 6 12.58 -20.03 -5.26
N GLY A 7 11.31 -20.42 -5.20
CA GLY A 7 10.41 -19.82 -4.23
C GLY A 7 10.04 -18.39 -4.57
N THR A 8 9.64 -17.63 -3.56
CA THR A 8 9.27 -16.24 -3.76
C THR A 8 10.28 -15.29 -3.13
N GLY A 9 10.60 -15.54 -1.86
CA GLY A 9 11.56 -14.70 -1.16
C GLY A 9 10.93 -13.44 -0.59
N GLU A 10 10.98 -12.37 -1.37
CA GLU A 10 10.42 -11.09 -0.95
C GLU A 10 9.09 -10.82 -1.64
N LYS A 11 8.16 -10.21 -0.91
CA LYS A 11 6.84 -9.90 -1.45
C LYS A 11 6.52 -8.42 -1.29
N PRO A 12 7.23 -7.57 -2.05
CA PRO A 12 7.04 -6.12 -2.00
C PRO A 12 5.70 -5.70 -2.61
N TYR A 13 4.90 -5.00 -1.81
CA TYR A 13 3.59 -4.54 -2.27
C TYR A 13 3.74 -3.40 -3.28
N LYS A 14 2.82 -3.36 -4.25
CA LYS A 14 2.85 -2.33 -5.27
C LYS A 14 1.50 -1.61 -5.35
N CYS A 15 1.53 -0.30 -5.18
CA CYS A 15 0.32 0.51 -5.23
C CYS A 15 -0.33 0.44 -6.62
N HIS A 16 -1.57 -0.03 -6.66
CA HIS A 16 -2.30 -0.16 -7.93
C HIS A 16 -2.97 1.16 -8.29
N GLU A 17 -2.74 2.19 -7.48
CA GLU A 17 -3.34 3.49 -7.72
C GLU A 17 -2.43 4.35 -8.59
N CYS A 18 -1.14 4.37 -8.27
CA CYS A 18 -0.17 5.14 -9.03
C CYS A 18 0.92 4.24 -9.61
N GLY A 19 1.25 3.18 -8.88
CA GLY A 19 2.27 2.26 -9.34
C GLY A 19 3.56 2.37 -8.55
N LYS A 20 3.43 2.80 -7.30
CA LYS A 20 4.60 2.95 -6.43
C LYS A 20 4.81 1.70 -5.58
N VAL A 21 6.03 1.15 -5.64
CA VAL A 21 6.35 -0.04 -4.87
C VAL A 21 6.97 0.31 -3.53
N PHE A 22 6.71 -0.50 -2.52
CA PHE A 22 7.25 -0.27 -1.18
C PHE A 22 7.86 -1.55 -0.61
N ARG A 23 8.50 -1.42 0.55
CA ARG A 23 9.12 -2.56 1.20
C ARG A 23 8.07 -3.46 1.86
N ARG A 24 7.52 -2.98 2.98
CA ARG A 24 6.51 -3.73 3.70
C ARG A 24 5.13 -3.11 3.51
N ASN A 25 4.09 -3.90 3.78
CA ASN A 25 2.72 -3.43 3.62
C ASN A 25 2.50 -2.11 4.37
N SER A 26 3.15 -1.98 5.52
CA SER A 26 3.03 -0.78 6.33
C SER A 26 3.37 0.46 5.51
N HIS A 27 4.50 0.43 4.83
CA HIS A 27 4.95 1.54 4.01
C HIS A 27 3.89 1.91 2.98
N LEU A 28 3.12 0.91 2.55
CA LEU A 28 2.06 1.14 1.56
C LEU A 28 0.80 1.68 2.23
N ALA A 29 0.52 1.21 3.43
CA ALA A 29 -0.65 1.65 4.17
C ALA A 29 -0.67 3.17 4.31
N ARG A 30 0.43 3.73 4.79
CA ARG A 30 0.54 5.17 4.98
C ARG A 30 0.51 5.90 3.63
N HIS A 31 0.93 5.21 2.58
CA HIS A 31 0.94 5.78 1.24
C HIS A 31 -0.48 5.90 0.69
N GLN A 32 -1.29 4.89 0.95
CA GLN A 32 -2.67 4.88 0.48
C GLN A 32 -3.43 6.11 0.96
N LEU A 33 -2.97 6.68 2.07
CA LEU A 33 -3.60 7.87 2.64
C LEU A 33 -3.66 8.99 1.61
N ILE A 34 -2.71 9.00 0.69
CA ILE A 34 -2.66 10.01 -0.35
C ILE A 34 -3.77 9.81 -1.37
N HIS A 35 -4.21 8.56 -1.52
CA HIS A 35 -5.28 8.22 -2.46
C HIS A 35 -6.64 8.27 -1.78
N THR A 36 -6.77 7.52 -0.69
CA THR A 36 -8.02 7.46 0.06
C THR A 36 -8.53 8.86 0.39
N GLY A 37 -9.56 9.30 -0.31
CA GLY A 37 -10.11 10.61 -0.07
C GLY A 37 -11.26 10.59 0.92
N GLU A 38 -12.04 9.52 0.89
CA GLU A 38 -13.18 9.37 1.79
C GLU A 38 -13.29 7.94 2.30
N LYS A 39 -14.19 7.73 3.27
CA LYS A 39 -14.39 6.40 3.85
C LYS A 39 -15.86 6.01 3.79
N PRO A 40 -16.13 4.71 3.92
CA PRO A 40 -17.50 4.17 3.89
C PRO A 40 -18.29 4.55 5.14
N SER A 41 -17.66 4.39 6.30
CA SER A 41 -18.30 4.71 7.57
C SER A 41 -18.52 6.22 7.71
N GLY A 42 -19.47 6.60 8.56
CA GLY A 42 -19.76 8.00 8.76
C GLY A 42 -21.17 8.24 9.26
N PRO A 43 -22.16 8.04 8.39
CA PRO A 43 -23.57 8.23 8.73
C PRO A 43 -24.08 7.16 9.69
N SER A 44 -23.85 7.38 10.98
CA SER A 44 -24.29 6.44 12.01
C SER A 44 -25.62 6.87 12.61
N SER A 45 -26.45 5.88 12.97
CA SER A 45 -27.75 6.16 13.56
C SER A 45 -28.34 4.90 14.19
N GLY A 46 -29.24 5.09 15.15
CA GLY A 46 -29.86 3.96 15.82
C GLY A 46 -30.02 4.19 17.31
N GLY A 1 3.57 -19.21 -17.30
CA GLY A 1 2.22 -18.83 -16.93
C GLY A 1 1.55 -19.86 -16.04
N SER A 2 0.27 -19.67 -15.78
CA SER A 2 -0.49 -20.59 -14.94
C SER A 2 0.18 -20.75 -13.57
N SER A 3 0.90 -19.71 -13.14
CA SER A 3 1.59 -19.73 -11.86
C SER A 3 0.96 -18.74 -10.89
N GLY A 4 -0.16 -19.14 -10.28
CA GLY A 4 -0.84 -18.29 -9.33
C GLY A 4 -0.63 -18.74 -7.89
N SER A 5 0.25 -18.05 -7.18
CA SER A 5 0.53 -18.38 -5.79
C SER A 5 -0.21 -17.45 -4.84
N SER A 6 -0.31 -17.85 -3.58
CA SER A 6 -0.99 -17.05 -2.57
C SER A 6 -0.25 -17.09 -1.24
N GLY A 7 -0.43 -16.06 -0.43
CA GLY A 7 0.22 -16.00 0.87
C GLY A 7 0.47 -14.58 1.33
N THR A 8 -0.49 -14.02 2.06
CA THR A 8 -0.37 -12.66 2.57
C THR A 8 0.94 -12.46 3.32
N GLY A 9 1.65 -11.40 2.97
CA GLY A 9 2.92 -11.11 3.62
C GLY A 9 4.10 -11.70 2.88
N GLU A 10 4.19 -11.39 1.59
CA GLU A 10 5.28 -11.90 0.76
C GLU A 10 5.58 -10.94 -0.40
N LYS A 11 6.86 -10.74 -0.68
CA LYS A 11 7.28 -9.85 -1.76
C LYS A 11 6.85 -8.41 -1.47
N PRO A 12 7.49 -7.45 -2.15
CA PRO A 12 7.19 -6.03 -2.00
C PRO A 12 5.83 -5.66 -2.56
N TYR A 13 5.05 -4.89 -1.80
CA TYR A 13 3.74 -4.47 -2.24
C TYR A 13 3.84 -3.32 -3.23
N LYS A 14 2.96 -3.33 -4.23
CA LYS A 14 2.94 -2.29 -5.25
C LYS A 14 1.59 -1.60 -5.29
N CYS A 15 1.60 -0.27 -5.18
CA CYS A 15 0.37 0.52 -5.21
C CYS A 15 -0.29 0.45 -6.59
N HIS A 16 -1.47 -0.16 -6.64
CA HIS A 16 -2.20 -0.28 -7.89
C HIS A 16 -2.88 1.04 -8.27
N GLU A 17 -2.80 2.01 -7.39
CA GLU A 17 -3.39 3.32 -7.62
C GLU A 17 -2.53 4.15 -8.56
N CYS A 18 -1.26 4.32 -8.20
CA CYS A 18 -0.32 5.09 -9.01
C CYS A 18 0.74 4.18 -9.63
N GLY A 19 1.15 3.17 -8.88
CA GLY A 19 2.15 2.25 -9.38
C GLY A 19 3.47 2.36 -8.63
N LYS A 20 3.40 2.78 -7.37
CA LYS A 20 4.59 2.93 -6.54
C LYS A 20 4.81 1.69 -5.68
N VAL A 21 6.01 1.14 -5.76
CA VAL A 21 6.36 -0.05 -5.00
C VAL A 21 7.00 0.33 -3.66
N PHE A 22 6.80 -0.53 -2.65
CA PHE A 22 7.36 -0.28 -1.33
C PHE A 22 7.99 -1.55 -0.77
N ARG A 23 8.49 -1.46 0.46
CA ARG A 23 9.12 -2.60 1.11
C ARG A 23 8.11 -3.42 1.90
N ARG A 24 7.66 -2.89 3.03
CA ARG A 24 6.68 -3.57 3.87
C ARG A 24 5.28 -3.09 3.56
N ASN A 25 4.29 -3.85 4.02
CA ASN A 25 2.89 -3.50 3.79
C ASN A 25 2.53 -2.20 4.51
N SER A 26 3.18 -1.96 5.64
CA SER A 26 2.93 -0.76 6.43
C SER A 26 3.26 0.49 5.63
N HIS A 27 4.41 0.49 4.96
CA HIS A 27 4.84 1.62 4.15
C HIS A 27 3.78 1.98 3.12
N LEU A 28 3.11 0.96 2.60
CA LEU A 28 2.07 1.16 1.60
C LEU A 28 0.76 1.61 2.24
N ALA A 29 0.43 1.00 3.38
CA ALA A 29 -0.79 1.35 4.10
C ALA A 29 -0.90 2.85 4.32
N ARG A 30 0.23 3.49 4.61
CA ARG A 30 0.26 4.92 4.85
C ARG A 30 0.29 5.69 3.52
N HIS A 31 0.80 5.05 2.48
CA HIS A 31 0.87 5.67 1.16
C HIS A 31 -0.51 5.81 0.54
N GLN A 32 -1.42 4.91 0.91
CA GLN A 32 -2.78 4.94 0.40
C GLN A 32 -3.52 6.18 0.87
N LEU A 33 -3.07 6.73 2.00
CA LEU A 33 -3.69 7.93 2.57
C LEU A 33 -3.71 9.06 1.54
N ILE A 34 -2.60 9.24 0.85
CA ILE A 34 -2.49 10.29 -0.16
C ILE A 34 -3.54 10.13 -1.24
N HIS A 35 -4.06 8.91 -1.38
CA HIS A 35 -5.08 8.62 -2.38
C HIS A 35 -6.48 8.82 -1.80
N THR A 36 -6.71 8.24 -0.62
CA THR A 36 -8.00 8.36 0.04
C THR A 36 -7.93 9.34 1.20
N GLY A 37 -7.33 10.49 0.96
CA GLY A 37 -7.22 11.51 1.99
C GLY A 37 -7.55 12.90 1.48
N GLU A 38 -7.32 13.90 2.32
CA GLU A 38 -7.60 15.29 1.95
C GLU A 38 -6.32 16.09 1.82
N LYS A 39 -5.40 15.89 2.77
CA LYS A 39 -4.12 16.59 2.76
C LYS A 39 -4.33 18.09 2.92
N PRO A 40 -4.70 18.53 4.14
CA PRO A 40 -4.93 19.94 4.44
C PRO A 40 -3.64 20.75 4.43
N SER A 41 -3.56 21.72 3.52
CA SER A 41 -2.39 22.57 3.41
C SER A 41 -2.76 24.04 3.58
N GLY A 42 -1.75 24.91 3.53
CA GLY A 42 -1.98 26.34 3.68
C GLY A 42 -2.27 27.02 2.36
N PRO A 43 -2.76 28.27 2.44
CA PRO A 43 -3.08 29.06 1.24
C PRO A 43 -1.83 29.49 0.48
N SER A 44 -0.86 30.02 1.20
CA SER A 44 0.39 30.48 0.59
C SER A 44 1.60 29.85 1.29
N SER A 45 2.14 28.80 0.69
CA SER A 45 3.29 28.10 1.25
C SER A 45 3.89 27.14 0.23
N GLY A 46 5.17 26.81 0.43
CA GLY A 46 5.84 25.90 -0.48
C GLY A 46 7.19 25.44 0.05
N GLY A 1 7.14 -27.66 15.42
CA GLY A 1 7.68 -27.05 14.22
C GLY A 1 6.60 -26.70 13.22
N SER A 2 7.01 -26.34 12.00
CA SER A 2 6.07 -25.96 10.96
C SER A 2 6.54 -26.47 9.60
N SER A 3 5.66 -27.19 8.91
CA SER A 3 5.98 -27.74 7.59
C SER A 3 5.74 -26.71 6.50
N GLY A 4 6.47 -25.61 6.55
CA GLY A 4 6.32 -24.56 5.55
C GLY A 4 5.32 -23.51 5.98
N SER A 5 4.55 -23.01 5.01
CA SER A 5 3.55 -21.98 5.28
C SER A 5 4.17 -20.79 6.00
N SER A 6 5.30 -20.32 5.47
CA SER A 6 6.00 -19.19 6.06
C SER A 6 5.95 -17.98 5.14
N GLY A 7 6.59 -18.10 3.98
CA GLY A 7 6.61 -17.01 3.02
C GLY A 7 7.48 -17.32 1.82
N THR A 8 7.12 -16.74 0.67
CA THR A 8 7.87 -16.96 -0.56
C THR A 8 8.52 -15.67 -1.03
N GLY A 9 9.56 -15.23 -0.32
CA GLY A 9 10.26 -14.02 -0.69
C GLY A 9 9.77 -12.82 0.09
N GLU A 10 10.32 -11.64 -0.23
CA GLU A 10 9.93 -10.41 0.46
C GLU A 10 8.50 -10.01 0.09
N LYS A 11 8.10 -10.34 -1.12
CA LYS A 11 6.75 -10.02 -1.60
C LYS A 11 6.46 -8.53 -1.42
N PRO A 12 7.15 -7.70 -2.21
CA PRO A 12 6.98 -6.24 -2.16
C PRO A 12 5.61 -5.80 -2.71
N TYR A 13 4.90 -5.01 -1.92
CA TYR A 13 3.58 -4.53 -2.32
C TYR A 13 3.70 -3.39 -3.33
N LYS A 14 2.85 -3.42 -4.35
CA LYS A 14 2.87 -2.39 -5.39
C LYS A 14 1.52 -1.68 -5.47
N CYS A 15 1.55 -0.37 -5.24
CA CYS A 15 0.32 0.43 -5.29
C CYS A 15 -0.32 0.37 -6.67
N HIS A 16 -1.56 -0.10 -6.73
CA HIS A 16 -2.28 -0.21 -7.99
C HIS A 16 -2.96 1.11 -8.33
N GLU A 17 -2.73 2.13 -7.50
CA GLU A 17 -3.33 3.44 -7.73
C GLU A 17 -2.42 4.31 -8.59
N CYS A 18 -1.13 4.29 -8.29
CA CYS A 18 -0.16 5.08 -9.03
C CYS A 18 0.93 4.18 -9.62
N GLY A 19 1.30 3.15 -8.87
CA GLY A 19 2.33 2.23 -9.33
C GLY A 19 3.61 2.34 -8.52
N LYS A 20 3.48 2.82 -7.28
CA LYS A 20 4.64 2.97 -6.40
C LYS A 20 4.86 1.70 -5.57
N VAL A 21 6.08 1.17 -5.62
CA VAL A 21 6.43 -0.02 -4.87
C VAL A 21 7.00 0.33 -3.50
N PHE A 22 6.73 -0.52 -2.52
CA PHE A 22 7.22 -0.31 -1.16
C PHE A 22 7.87 -1.56 -0.61
N ARG A 23 8.52 -1.43 0.54
CA ARG A 23 9.19 -2.56 1.18
C ARG A 23 8.20 -3.41 1.97
N ARG A 24 7.64 -2.83 3.02
CA ARG A 24 6.68 -3.54 3.86
C ARG A 24 5.27 -3.01 3.63
N ASN A 25 4.27 -3.84 3.92
CA ASN A 25 2.88 -3.45 3.75
C ASN A 25 2.59 -2.12 4.42
N SER A 26 3.12 -1.94 5.63
CA SER A 26 2.92 -0.71 6.38
C SER A 26 3.28 0.51 5.53
N HIS A 27 4.43 0.45 4.88
CA HIS A 27 4.89 1.55 4.03
C HIS A 27 3.84 1.91 2.99
N LEU A 28 3.07 0.91 2.56
CA LEU A 28 2.03 1.11 1.57
C LEU A 28 0.75 1.64 2.21
N ALA A 29 0.51 1.22 3.45
CA ALA A 29 -0.67 1.65 4.18
C ALA A 29 -0.71 3.17 4.32
N ARG A 30 0.39 3.75 4.81
CA ARG A 30 0.48 5.19 5.00
C ARG A 30 0.42 5.91 3.66
N HIS A 31 0.89 5.24 2.61
CA HIS A 31 0.90 5.82 1.27
C HIS A 31 -0.52 5.96 0.73
N GLN A 32 -1.36 4.95 1.00
CA GLN A 32 -2.73 4.97 0.54
C GLN A 32 -3.47 6.21 1.04
N LEU A 33 -2.98 6.77 2.13
CA LEU A 33 -3.59 7.97 2.71
C LEU A 33 -3.65 9.10 1.69
N ILE A 34 -2.75 9.06 0.72
CA ILE A 34 -2.70 10.07 -0.33
C ILE A 34 -3.81 9.85 -1.36
N HIS A 35 -4.24 8.60 -1.49
CA HIS A 35 -5.29 8.25 -2.44
C HIS A 35 -6.66 8.29 -1.78
N THR A 36 -6.71 7.95 -0.50
CA THR A 36 -7.96 7.95 0.26
C THR A 36 -8.33 9.36 0.70
N GLY A 37 -9.10 10.05 -0.14
CA GLY A 37 -9.51 11.41 0.19
C GLY A 37 -10.79 11.45 0.99
N GLU A 38 -11.72 12.32 0.59
CA GLU A 38 -12.99 12.45 1.28
C GLU A 38 -13.95 11.34 0.88
N LYS A 39 -14.86 10.99 1.78
CA LYS A 39 -15.83 9.93 1.52
C LYS A 39 -17.09 10.13 2.36
N PRO A 40 -18.19 9.50 1.95
CA PRO A 40 -19.48 9.58 2.65
C PRO A 40 -19.45 8.86 4.00
N SER A 41 -19.32 9.62 5.08
CA SER A 41 -19.27 9.05 6.41
C SER A 41 -20.02 9.94 7.41
N GLY A 42 -20.71 9.30 8.36
CA GLY A 42 -21.46 10.05 9.36
C GLY A 42 -21.37 9.42 10.73
N PRO A 43 -20.20 9.55 11.37
CA PRO A 43 -19.97 9.00 12.71
C PRO A 43 -20.75 9.73 13.79
N SER A 44 -21.05 11.01 13.52
CA SER A 44 -21.79 11.82 14.48
C SER A 44 -23.15 11.20 14.79
N SER A 45 -23.27 10.62 15.98
CA SER A 45 -24.51 9.99 16.40
C SER A 45 -25.14 10.75 17.57
N GLY A 46 -24.29 11.34 18.40
CA GLY A 46 -24.78 12.09 19.55
C GLY A 46 -24.89 11.23 20.79
N GLY A 1 -0.29 -39.85 1.28
CA GLY A 1 -0.51 -38.71 0.41
C GLY A 1 0.71 -37.81 0.31
N SER A 2 0.48 -36.50 0.18
CA SER A 2 1.56 -35.54 0.07
C SER A 2 1.08 -34.14 0.46
N SER A 3 1.73 -33.56 1.46
CA SER A 3 1.37 -32.23 1.94
C SER A 3 2.48 -31.64 2.79
N GLY A 4 2.54 -30.31 2.85
CA GLY A 4 3.57 -29.65 3.64
C GLY A 4 3.52 -28.14 3.50
N SER A 5 4.57 -27.47 3.93
CA SER A 5 4.65 -26.02 3.87
C SER A 5 5.98 -25.57 3.27
N SER A 6 5.92 -24.87 2.14
CA SER A 6 7.12 -24.39 1.48
C SER A 6 6.82 -23.12 0.67
N GLY A 7 7.55 -22.06 0.96
CA GLY A 7 7.36 -20.80 0.26
C GLY A 7 6.51 -19.83 1.04
N THR A 8 7.17 -19.01 1.87
CA THR A 8 6.47 -18.02 2.68
C THR A 8 7.36 -16.82 2.96
N GLY A 9 6.75 -15.65 3.12
CA GLY A 9 7.50 -14.45 3.40
C GLY A 9 6.82 -13.20 2.86
N GLU A 10 7.15 -12.05 3.44
CA GLU A 10 6.57 -10.79 3.02
C GLU A 10 7.21 -10.28 1.73
N LYS A 11 6.39 -9.81 0.80
CA LYS A 11 6.90 -9.30 -0.47
C LYS A 11 6.56 -7.82 -0.63
N PRO A 12 7.28 -7.14 -1.53
CA PRO A 12 7.08 -5.71 -1.81
C PRO A 12 5.75 -5.45 -2.52
N TYR A 13 4.90 -4.66 -1.88
CA TYR A 13 3.60 -4.32 -2.45
C TYR A 13 3.72 -3.22 -3.50
N LYS A 14 2.88 -3.28 -4.52
CA LYS A 14 2.90 -2.29 -5.59
C LYS A 14 1.56 -1.55 -5.67
N CYS A 15 1.58 -0.28 -5.30
CA CYS A 15 0.37 0.54 -5.34
C CYS A 15 -0.29 0.48 -6.70
N HIS A 16 -1.52 -0.02 -6.74
CA HIS A 16 -2.27 -0.14 -7.99
C HIS A 16 -2.97 1.17 -8.33
N GLU A 17 -2.76 2.18 -7.48
CA GLU A 17 -3.37 3.49 -7.69
C GLU A 17 -2.48 4.38 -8.54
N CYS A 18 -1.18 4.35 -8.26
CA CYS A 18 -0.21 5.16 -8.99
C CYS A 18 0.87 4.29 -9.62
N GLY A 19 1.23 3.21 -8.91
CA GLY A 19 2.26 2.31 -9.41
C GLY A 19 3.55 2.40 -8.62
N LYS A 20 3.45 2.87 -7.39
CA LYS A 20 4.61 3.00 -6.52
C LYS A 20 4.82 1.74 -5.68
N VAL A 21 6.04 1.22 -5.69
CA VAL A 21 6.37 0.02 -4.94
C VAL A 21 6.99 0.37 -3.60
N PHE A 22 6.76 -0.48 -2.61
CA PHE A 22 7.30 -0.26 -1.27
C PHE A 22 7.99 -1.52 -0.75
N ARG A 23 8.48 -1.45 0.49
CA ARG A 23 9.16 -2.58 1.11
C ARG A 23 8.16 -3.57 1.70
N ARG A 24 7.34 -3.07 2.62
CA ARG A 24 6.33 -3.91 3.27
C ARG A 24 4.95 -3.28 3.16
N ASN A 25 3.93 -4.04 3.52
CA ASN A 25 2.55 -3.56 3.46
C ASN A 25 2.40 -2.25 4.22
N SER A 26 2.96 -2.20 5.42
CA SER A 26 2.89 -1.00 6.25
C SER A 26 3.35 0.23 5.48
N HIS A 27 4.55 0.13 4.89
CA HIS A 27 5.11 1.23 4.11
C HIS A 27 4.14 1.68 3.03
N LEU A 28 3.30 0.75 2.56
CA LEU A 28 2.33 1.05 1.51
C LEU A 28 1.05 1.64 2.11
N ALA A 29 0.73 1.22 3.33
CA ALA A 29 -0.45 1.71 4.02
C ALA A 29 -0.41 3.22 4.19
N ARG A 30 0.66 3.73 4.79
CA ARG A 30 0.82 5.16 5.00
C ARG A 30 0.72 5.92 3.69
N HIS A 31 1.06 5.25 2.59
CA HIS A 31 1.01 5.87 1.27
C HIS A 31 -0.43 5.90 0.74
N GLN A 32 -1.18 4.85 1.05
CA GLN A 32 -2.57 4.76 0.60
C GLN A 32 -3.37 5.97 1.06
N LEU A 33 -2.93 6.60 2.15
CA LEU A 33 -3.60 7.77 2.69
C LEU A 33 -3.74 8.85 1.63
N ILE A 34 -2.78 8.91 0.71
CA ILE A 34 -2.80 9.90 -0.35
C ILE A 34 -3.93 9.62 -1.34
N HIS A 35 -4.32 8.36 -1.43
CA HIS A 35 -5.40 7.95 -2.34
C HIS A 35 -6.74 7.94 -1.61
N THR A 36 -6.84 7.07 -0.60
CA THR A 36 -8.08 6.94 0.17
C THR A 36 -7.87 7.43 1.61
N GLY A 37 -8.92 8.00 2.19
CA GLY A 37 -8.83 8.49 3.55
C GLY A 37 -10.13 9.12 4.02
N GLU A 38 -10.03 10.12 4.88
CA GLU A 38 -11.20 10.80 5.41
C GLU A 38 -11.02 12.32 5.36
N LYS A 39 -12.14 13.03 5.24
CA LYS A 39 -12.11 14.49 5.17
C LYS A 39 -13.07 15.10 6.19
N PRO A 40 -12.71 15.00 7.48
CA PRO A 40 -13.52 15.54 8.57
C PRO A 40 -13.53 17.06 8.59
N SER A 41 -14.67 17.65 8.27
CA SER A 41 -14.81 19.10 8.25
C SER A 41 -13.78 19.73 7.31
N GLY A 42 -13.46 19.01 6.24
CA GLY A 42 -12.49 19.51 5.27
C GLY A 42 -13.14 20.01 4.01
N PRO A 43 -12.33 20.27 2.97
CA PRO A 43 -12.81 20.76 1.68
C PRO A 43 -13.60 19.70 0.92
N SER A 44 -14.68 20.13 0.27
CA SER A 44 -15.52 19.22 -0.49
C SER A 44 -15.39 19.48 -1.99
N SER A 45 -15.37 20.75 -2.37
CA SER A 45 -15.25 21.13 -3.76
C SER A 45 -16.31 20.45 -4.62
N GLY A 46 -17.50 20.25 -4.02
CA GLY A 46 -18.58 19.60 -4.74
C GLY A 46 -18.78 18.16 -4.30
N GLY A 1 1.91 -29.88 -0.73
CA GLY A 1 3.35 -29.87 -0.51
C GLY A 1 3.75 -28.85 0.55
N SER A 2 4.15 -27.67 0.10
CA SER A 2 4.57 -26.61 1.01
C SER A 2 3.49 -25.53 1.13
N SER A 3 3.24 -25.08 2.36
CA SER A 3 2.24 -24.06 2.60
C SER A 3 2.76 -23.03 3.60
N GLY A 4 3.10 -21.84 3.10
CA GLY A 4 3.61 -20.79 3.96
C GLY A 4 3.42 -19.41 3.36
N SER A 5 3.55 -18.39 4.20
CA SER A 5 3.38 -17.00 3.74
C SER A 5 4.73 -16.30 3.67
N SER A 6 5.36 -16.12 4.82
CA SER A 6 6.66 -15.45 4.89
C SER A 6 7.77 -16.45 5.19
N GLY A 7 8.52 -16.82 4.16
CA GLY A 7 9.61 -17.77 4.32
C GLY A 7 10.76 -17.50 3.39
N THR A 8 10.66 -18.00 2.16
CA THR A 8 11.71 -17.81 1.16
C THR A 8 11.26 -16.87 0.05
N GLY A 9 11.90 -15.71 -0.04
CA GLY A 9 11.55 -14.75 -1.06
C GLY A 9 10.82 -13.55 -0.50
N GLU A 10 11.11 -12.37 -1.05
CA GLU A 10 10.47 -11.14 -0.59
C GLU A 10 9.10 -10.96 -1.24
N LYS A 11 8.27 -10.11 -0.64
CA LYS A 11 6.94 -9.84 -1.16
C LYS A 11 6.62 -8.36 -1.10
N PRO A 12 7.31 -7.56 -1.93
CA PRO A 12 7.10 -6.11 -1.99
C PRO A 12 5.75 -5.73 -2.59
N TYR A 13 4.99 -4.93 -1.84
CA TYR A 13 3.68 -4.49 -2.31
C TYR A 13 3.80 -3.38 -3.33
N LYS A 14 2.87 -3.35 -4.28
CA LYS A 14 2.88 -2.32 -5.32
C LYS A 14 1.53 -1.60 -5.37
N CYS A 15 1.56 -0.28 -5.20
CA CYS A 15 0.34 0.52 -5.23
C CYS A 15 -0.31 0.45 -6.60
N HIS A 16 -1.55 -0.05 -6.62
CA HIS A 16 -2.30 -0.18 -7.87
C HIS A 16 -2.99 1.14 -8.22
N GLU A 17 -2.78 2.15 -7.39
CA GLU A 17 -3.38 3.46 -7.62
C GLU A 17 -2.48 4.34 -8.48
N CYS A 18 -1.18 4.31 -8.18
CA CYS A 18 -0.21 5.11 -8.93
C CYS A 18 0.86 4.21 -9.55
N GLY A 19 1.21 3.15 -8.84
CA GLY A 19 2.23 2.23 -9.33
C GLY A 19 3.53 2.32 -8.54
N LYS A 20 3.43 2.78 -7.30
CA LYS A 20 4.60 2.92 -6.45
C LYS A 20 4.82 1.65 -5.62
N VAL A 21 6.03 1.10 -5.70
CA VAL A 21 6.36 -0.11 -4.95
C VAL A 21 6.96 0.23 -3.59
N PHE A 22 6.73 -0.66 -2.63
CA PHE A 22 7.24 -0.45 -1.28
C PHE A 22 7.87 -1.74 -0.73
N ARG A 23 8.68 -1.61 0.32
CA ARG A 23 9.34 -2.76 0.93
C ARG A 23 8.32 -3.62 1.68
N ARG A 24 7.61 -3.01 2.62
CA ARG A 24 6.62 -3.73 3.41
C ARG A 24 5.22 -3.16 3.15
N ASN A 25 4.23 -3.75 3.82
CA ASN A 25 2.84 -3.31 3.67
C ASN A 25 2.56 -2.09 4.54
N SER A 26 3.31 -1.96 5.62
CA SER A 26 3.14 -0.84 6.54
C SER A 26 3.39 0.50 5.83
N HIS A 27 4.39 0.50 4.95
CA HIS A 27 4.74 1.71 4.20
C HIS A 27 3.65 2.04 3.19
N LEU A 28 3.10 1.02 2.55
CA LEU A 28 2.05 1.21 1.55
C LEU A 28 0.74 1.61 2.22
N ALA A 29 0.47 1.04 3.38
CA ALA A 29 -0.76 1.34 4.12
C ALA A 29 -0.93 2.85 4.30
N ARG A 30 0.15 3.52 4.70
CA ARG A 30 0.12 4.96 4.91
C ARG A 30 0.18 5.70 3.57
N HIS A 31 0.76 5.06 2.57
CA HIS A 31 0.87 5.67 1.25
C HIS A 31 -0.49 5.79 0.58
N GLN A 32 -1.41 4.92 0.97
CA GLN A 32 -2.77 4.93 0.42
C GLN A 32 -3.52 6.19 0.85
N LEU A 33 -3.12 6.74 1.99
CA LEU A 33 -3.76 7.95 2.51
C LEU A 33 -3.76 9.06 1.48
N ILE A 34 -2.62 9.23 0.81
CA ILE A 34 -2.49 10.26 -0.22
C ILE A 34 -3.55 10.10 -1.29
N HIS A 35 -4.06 8.89 -1.45
CA HIS A 35 -5.09 8.60 -2.45
C HIS A 35 -6.48 8.80 -1.86
N THR A 36 -6.59 8.64 -0.55
CA THR A 36 -7.87 8.79 0.14
C THR A 36 -8.03 10.20 0.70
N GLY A 37 -9.11 10.86 0.32
CA GLY A 37 -9.37 12.21 0.80
C GLY A 37 -10.83 12.60 0.71
N GLU A 38 -11.33 12.73 -0.52
CA GLU A 38 -12.72 13.10 -0.73
C GLU A 38 -13.37 12.19 -1.78
N LYS A 39 -14.62 11.81 -1.54
CA LYS A 39 -15.36 10.95 -2.46
C LYS A 39 -16.80 11.41 -2.59
N PRO A 40 -17.46 10.97 -3.68
CA PRO A 40 -18.85 11.32 -3.96
C PRO A 40 -19.82 10.66 -2.98
N SER A 41 -20.20 11.38 -1.94
CA SER A 41 -21.12 10.86 -0.94
C SER A 41 -22.45 11.62 -0.97
N GLY A 42 -22.38 12.93 -0.79
CA GLY A 42 -23.58 13.75 -0.80
C GLY A 42 -23.88 14.32 -2.17
N PRO A 43 -23.10 15.34 -2.56
CA PRO A 43 -23.26 16.01 -3.87
C PRO A 43 -22.85 15.12 -5.03
N SER A 44 -23.84 14.49 -5.66
CA SER A 44 -23.58 13.60 -6.79
C SER A 44 -23.73 14.35 -8.11
N SER A 45 -24.92 14.89 -8.35
CA SER A 45 -25.19 15.63 -9.58
C SER A 45 -24.89 14.78 -10.80
N GLY A 46 -25.02 13.46 -10.64
CA GLY A 46 -24.74 12.56 -11.74
C GLY A 46 -25.96 12.34 -12.62
N GLY A 1 8.91 -38.45 5.40
CA GLY A 1 8.54 -37.42 4.43
C GLY A 1 9.54 -36.29 4.37
N SER A 2 9.53 -35.56 3.26
CA SER A 2 10.47 -34.46 3.07
C SER A 2 9.77 -33.26 2.43
N SER A 3 10.09 -32.06 2.92
CA SER A 3 9.49 -30.84 2.40
C SER A 3 9.82 -30.65 0.93
N GLY A 4 11.08 -30.92 0.57
CA GLY A 4 11.51 -30.78 -0.80
C GLY A 4 11.85 -29.34 -1.16
N SER A 5 10.89 -28.63 -1.73
CA SER A 5 11.11 -27.24 -2.13
C SER A 5 9.85 -26.41 -1.86
N SER A 6 10.05 -25.12 -1.62
CA SER A 6 8.94 -24.21 -1.35
C SER A 6 9.19 -22.84 -1.96
N GLY A 7 8.28 -22.41 -2.83
CA GLY A 7 8.41 -21.12 -3.48
C GLY A 7 7.63 -20.03 -2.77
N THR A 8 7.41 -20.21 -1.47
CA THR A 8 6.68 -19.23 -0.68
C THR A 8 7.62 -18.25 0.02
N GLY A 9 7.06 -17.19 0.57
CA GLY A 9 7.87 -16.20 1.27
C GLY A 9 7.15 -14.88 1.43
N GLU A 10 7.68 -13.83 0.80
CA GLU A 10 7.09 -12.51 0.88
C GLU A 10 7.67 -11.57 -0.18
N LYS A 11 6.82 -10.75 -0.78
CA LYS A 11 7.25 -9.82 -1.81
C LYS A 11 6.77 -8.41 -1.48
N PRO A 12 7.42 -7.41 -2.12
CA PRO A 12 7.07 -5.99 -1.91
C PRO A 12 5.73 -5.64 -2.52
N TYR A 13 4.95 -4.84 -1.79
CA TYR A 13 3.63 -4.42 -2.27
C TYR A 13 3.76 -3.31 -3.31
N LYS A 14 2.87 -3.35 -4.31
CA LYS A 14 2.88 -2.35 -5.37
C LYS A 14 1.54 -1.63 -5.45
N CYS A 15 1.56 -0.31 -5.26
CA CYS A 15 0.35 0.48 -5.32
C CYS A 15 -0.29 0.42 -6.71
N HIS A 16 -1.51 -0.08 -6.76
CA HIS A 16 -2.23 -0.18 -8.03
C HIS A 16 -2.91 1.14 -8.39
N GLU A 17 -2.74 2.13 -7.53
CA GLU A 17 -3.34 3.45 -7.76
C GLU A 17 -2.41 4.32 -8.59
N CYS A 18 -1.12 4.29 -8.28
CA CYS A 18 -0.13 5.08 -9.01
C CYS A 18 0.95 4.19 -9.59
N GLY A 19 1.31 3.14 -8.86
CA GLY A 19 2.34 2.22 -9.32
C GLY A 19 3.61 2.30 -8.50
N LYS A 20 3.48 2.80 -7.27
CA LYS A 20 4.63 2.93 -6.38
C LYS A 20 4.82 1.66 -5.57
N VAL A 21 6.04 1.12 -5.61
CA VAL A 21 6.37 -0.10 -4.88
C VAL A 21 6.90 0.22 -3.48
N PHE A 22 6.63 -0.67 -2.53
CA PHE A 22 7.07 -0.47 -1.15
C PHE A 22 7.63 -1.77 -0.58
N ARG A 23 8.68 -1.65 0.23
CA ARG A 23 9.32 -2.81 0.84
C ARG A 23 8.30 -3.62 1.64
N ARG A 24 7.77 -3.01 2.70
CA ARG A 24 6.79 -3.67 3.55
C ARG A 24 5.38 -3.16 3.26
N ASN A 25 4.41 -3.65 4.02
CA ASN A 25 3.02 -3.24 3.85
C ASN A 25 2.72 -1.97 4.63
N SER A 26 3.39 -1.80 5.76
CA SER A 26 3.20 -0.62 6.60
C SER A 26 3.41 0.65 5.79
N HIS A 27 4.44 0.65 4.95
CA HIS A 27 4.76 1.81 4.12
C HIS A 27 3.63 2.10 3.13
N LEU A 28 3.06 1.03 2.58
CA LEU A 28 1.97 1.16 1.61
C LEU A 28 0.69 1.62 2.29
N ALA A 29 0.44 1.08 3.49
CA ALA A 29 -0.74 1.45 4.25
C ALA A 29 -0.87 2.96 4.41
N ARG A 30 0.23 3.60 4.82
CA ARG A 30 0.24 5.04 5.00
C ARG A 30 0.23 5.77 3.66
N HIS A 31 0.74 5.10 2.64
CA HIS A 31 0.79 5.68 1.30
C HIS A 31 -0.62 5.82 0.71
N GLN A 32 -1.47 4.85 0.99
CA GLN A 32 -2.84 4.87 0.49
C GLN A 32 -3.55 6.14 0.92
N LEU A 33 -3.11 6.72 2.03
CA LEU A 33 -3.70 7.96 2.54
C LEU A 33 -3.74 9.03 1.47
N ILE A 34 -2.64 9.17 0.73
CA ILE A 34 -2.55 10.17 -0.32
C ILE A 34 -3.65 9.96 -1.36
N HIS A 35 -4.15 8.74 -1.46
CA HIS A 35 -5.21 8.42 -2.40
C HIS A 35 -6.57 8.46 -1.73
N THR A 36 -6.83 7.50 -0.86
CA THR A 36 -8.10 7.44 -0.14
C THR A 36 -7.94 7.87 1.31
N GLY A 37 -8.97 8.55 1.83
CA GLY A 37 -8.92 9.02 3.20
C GLY A 37 -10.26 9.54 3.69
N GLU A 38 -10.54 9.36 4.98
CA GLU A 38 -11.79 9.80 5.56
C GLU A 38 -11.81 11.32 5.71
N LYS A 39 -12.98 11.92 5.49
CA LYS A 39 -13.12 13.36 5.61
C LYS A 39 -12.08 14.09 4.76
N PRO A 40 -12.27 14.05 3.43
CA PRO A 40 -11.35 14.69 2.48
C PRO A 40 -11.44 16.21 2.55
N SER A 41 -10.37 16.85 3.00
CA SER A 41 -10.32 18.31 3.10
C SER A 41 -9.98 18.94 1.76
N GLY A 42 -10.85 19.81 1.29
CA GLY A 42 -10.63 20.47 0.01
C GLY A 42 -11.92 20.79 -0.71
N PRO A 43 -12.67 21.77 -0.19
CA PRO A 43 -13.95 22.18 -0.79
C PRO A 43 -13.77 22.90 -2.12
N SER A 44 -12.79 23.80 -2.17
CA SER A 44 -12.50 24.56 -3.38
C SER A 44 -11.79 23.70 -4.42
N SER A 45 -12.58 23.00 -5.24
CA SER A 45 -12.02 22.13 -6.27
C SER A 45 -12.35 22.67 -7.66
N GLY A 46 -11.32 22.81 -8.49
CA GLY A 46 -11.52 23.31 -9.85
C GLY A 46 -10.21 23.57 -10.56
N GLY A 1 1.91 -38.46 12.64
CA GLY A 1 2.82 -37.34 12.82
C GLY A 1 3.29 -36.76 11.51
N SER A 2 2.48 -35.86 10.93
CA SER A 2 2.82 -35.24 9.65
C SER A 2 2.34 -33.79 9.62
N SER A 3 3.21 -32.90 9.17
CA SER A 3 2.87 -31.48 9.09
C SER A 3 3.97 -30.71 8.36
N GLY A 4 3.59 -29.61 7.72
CA GLY A 4 4.55 -28.79 7.00
C GLY A 4 3.88 -27.88 5.99
N SER A 5 3.79 -26.60 6.34
CA SER A 5 3.17 -25.61 5.45
C SER A 5 3.78 -24.22 5.67
N SER A 6 3.40 -23.29 4.82
CA SER A 6 3.91 -21.92 4.90
C SER A 6 2.95 -20.94 4.26
N GLY A 7 2.67 -19.84 4.96
CA GLY A 7 1.75 -18.84 4.44
C GLY A 7 2.28 -17.43 4.61
N THR A 8 3.60 -17.31 4.79
CA THR A 8 4.23 -16.01 4.97
C THR A 8 4.20 -15.21 3.67
N GLY A 9 3.97 -13.91 3.80
CA GLY A 9 3.93 -13.04 2.64
C GLY A 9 4.58 -11.69 2.88
N GLU A 10 5.87 -11.61 2.60
CA GLU A 10 6.62 -10.38 2.80
C GLU A 10 7.12 -9.84 1.46
N LYS A 11 6.37 -10.09 0.40
CA LYS A 11 6.74 -9.62 -0.93
C LYS A 11 6.54 -8.11 -1.05
N PRO A 12 7.20 -7.50 -2.05
CA PRO A 12 7.12 -6.07 -2.30
C PRO A 12 5.75 -5.65 -2.82
N TYR A 13 5.00 -4.92 -1.99
CA TYR A 13 3.68 -4.45 -2.37
C TYR A 13 3.77 -3.30 -3.36
N LYS A 14 2.91 -3.35 -4.38
CA LYS A 14 2.88 -2.30 -5.40
C LYS A 14 1.54 -1.58 -5.40
N CYS A 15 1.59 -0.25 -5.34
CA CYS A 15 0.39 0.57 -5.34
C CYS A 15 -0.30 0.53 -6.69
N HIS A 16 -1.53 0.04 -6.72
CA HIS A 16 -2.30 -0.05 -7.95
C HIS A 16 -2.97 1.27 -8.28
N GLU A 17 -2.74 2.28 -7.44
CA GLU A 17 -3.32 3.59 -7.63
C GLU A 17 -2.41 4.46 -8.50
N CYS A 18 -1.12 4.43 -8.22
CA CYS A 18 -0.14 5.21 -8.97
C CYS A 18 0.92 4.31 -9.59
N GLY A 19 1.28 3.24 -8.87
CA GLY A 19 2.28 2.31 -9.37
C GLY A 19 3.56 2.37 -8.57
N LYS A 20 3.47 2.86 -7.33
CA LYS A 20 4.64 2.97 -6.47
C LYS A 20 4.84 1.69 -5.66
N VAL A 21 6.04 1.11 -5.78
CA VAL A 21 6.37 -0.12 -5.08
C VAL A 21 7.01 0.17 -3.73
N PHE A 22 6.80 -0.71 -2.76
CA PHE A 22 7.37 -0.55 -1.43
C PHE A 22 8.06 -1.82 -0.97
N ARG A 23 8.55 -1.81 0.26
CA ARG A 23 9.24 -2.97 0.82
C ARG A 23 8.47 -3.55 2.00
N ARG A 24 7.72 -2.70 2.69
CA ARG A 24 6.92 -3.13 3.83
C ARG A 24 5.45 -2.81 3.63
N ASN A 25 4.58 -3.76 3.97
CA ASN A 25 3.14 -3.58 3.82
C ASN A 25 2.68 -2.31 4.53
N SER A 26 3.32 -1.99 5.65
CA SER A 26 2.97 -0.80 6.41
C SER A 26 3.28 0.47 5.62
N HIS A 27 4.40 0.47 4.91
CA HIS A 27 4.80 1.61 4.11
C HIS A 27 3.74 1.94 3.06
N LEU A 28 3.06 0.90 2.57
CA LEU A 28 2.02 1.08 1.56
C LEU A 28 0.73 1.57 2.20
N ALA A 29 0.46 1.10 3.42
CA ALA A 29 -0.75 1.50 4.13
C ALA A 29 -0.82 3.02 4.29
N ARG A 30 0.26 3.60 4.81
CA ARG A 30 0.31 5.05 5.02
C ARG A 30 0.30 5.79 3.68
N HIS A 31 0.82 5.13 2.64
CA HIS A 31 0.87 5.73 1.31
C HIS A 31 -0.53 5.85 0.72
N GLN A 32 -1.34 4.81 0.92
CA GLN A 32 -2.70 4.80 0.40
C GLN A 32 -3.48 6.01 0.89
N LEU A 33 -3.07 6.56 2.02
CA LEU A 33 -3.73 7.72 2.60
C LEU A 33 -3.78 8.88 1.60
N ILE A 34 -2.75 8.97 0.77
CA ILE A 34 -2.67 10.03 -0.23
C ILE A 34 -3.75 9.84 -1.30
N HIS A 35 -4.20 8.61 -1.47
CA HIS A 35 -5.23 8.30 -2.45
C HIS A 35 -6.62 8.34 -1.82
N THR A 36 -6.80 7.59 -0.74
CA THR A 36 -8.07 7.54 -0.03
C THR A 36 -8.33 8.84 0.73
N GLY A 37 -9.47 9.47 0.45
CA GLY A 37 -9.81 10.70 1.11
C GLY A 37 -11.28 10.80 1.44
N GLU A 38 -11.65 10.38 2.65
CA GLU A 38 -13.04 10.42 3.09
C GLU A 38 -13.17 11.11 4.44
N LYS A 39 -12.77 12.37 4.50
CA LYS A 39 -12.83 13.16 5.73
C LYS A 39 -12.08 12.46 6.85
N PRO A 40 -10.73 12.50 6.78
CA PRO A 40 -9.87 11.89 7.78
C PRO A 40 -9.92 12.62 9.12
N SER A 41 -9.14 12.13 10.08
CA SER A 41 -9.09 12.75 11.41
C SER A 41 -7.68 12.71 11.97
N GLY A 42 -7.17 13.88 12.38
CA GLY A 42 -5.84 13.96 12.93
C GLY A 42 -5.78 14.83 14.17
N PRO A 43 -4.60 14.89 14.79
CA PRO A 43 -4.38 15.69 16.01
C PRO A 43 -4.42 17.19 15.74
N SER A 44 -4.73 17.97 16.76
CA SER A 44 -4.80 19.42 16.63
C SER A 44 -3.75 20.10 17.49
N SER A 45 -3.68 21.42 17.42
CA SER A 45 -2.73 22.19 18.19
C SER A 45 -3.33 22.64 19.51
N GLY A 46 -2.65 22.31 20.62
CA GLY A 46 -3.13 22.69 21.92
C GLY A 46 -2.10 22.45 23.01
N GLY A 1 -2.97 -31.16 -13.45
CA GLY A 1 -1.68 -30.59 -13.15
C GLY A 1 -1.46 -30.36 -11.66
N SER A 2 -0.40 -30.95 -11.12
CA SER A 2 -0.09 -30.82 -9.70
C SER A 2 0.90 -29.68 -9.47
N SER A 3 0.40 -28.45 -9.49
CA SER A 3 1.24 -27.28 -9.28
C SER A 3 0.72 -26.43 -8.13
N GLY A 4 1.61 -25.67 -7.51
CA GLY A 4 1.23 -24.83 -6.39
C GLY A 4 2.04 -23.55 -6.32
N SER A 5 2.50 -23.21 -5.12
CA SER A 5 3.29 -22.00 -4.93
C SER A 5 3.94 -22.00 -3.54
N SER A 6 5.25 -21.79 -3.52
CA SER A 6 5.99 -21.76 -2.26
C SER A 6 6.57 -20.38 -1.99
N GLY A 7 5.76 -19.52 -1.37
CA GLY A 7 6.21 -18.17 -1.07
C GLY A 7 5.84 -17.75 0.35
N THR A 8 6.55 -18.30 1.33
CA THR A 8 6.30 -17.98 2.72
C THR A 8 7.13 -16.78 3.17
N GLY A 9 6.59 -15.58 2.93
CA GLY A 9 7.29 -14.38 3.32
C GLY A 9 6.56 -13.12 2.86
N GLU A 10 7.01 -11.97 3.36
CA GLU A 10 6.40 -10.69 2.99
C GLU A 10 6.96 -10.18 1.67
N LYS A 11 6.14 -10.23 0.62
CA LYS A 11 6.55 -9.77 -0.70
C LYS A 11 6.34 -8.25 -0.82
N PRO A 12 7.04 -7.65 -1.81
CA PRO A 12 6.95 -6.21 -2.06
C PRO A 12 5.58 -5.80 -2.63
N TYR A 13 4.89 -4.92 -1.93
CA TYR A 13 3.58 -4.45 -2.37
C TYR A 13 3.72 -3.29 -3.35
N LYS A 14 2.85 -3.27 -4.35
CA LYS A 14 2.86 -2.22 -5.37
C LYS A 14 1.53 -1.48 -5.40
N CYS A 15 1.59 -0.16 -5.38
CA CYS A 15 0.40 0.67 -5.41
C CYS A 15 -0.27 0.60 -6.79
N HIS A 16 -1.52 0.14 -6.81
CA HIS A 16 -2.27 0.03 -8.06
C HIS A 16 -2.95 1.35 -8.41
N GLU A 17 -2.76 2.35 -7.55
CA GLU A 17 -3.37 3.66 -7.75
C GLU A 17 -2.44 4.56 -8.56
N CYS A 18 -1.14 4.40 -8.34
CA CYS A 18 -0.14 5.20 -9.04
C CYS A 18 0.93 4.32 -9.67
N GLY A 19 1.32 3.27 -8.94
CA GLY A 19 2.33 2.35 -9.45
C GLY A 19 3.63 2.42 -8.65
N LYS A 20 3.53 2.88 -7.41
CA LYS A 20 4.69 3.00 -6.55
C LYS A 20 4.86 1.75 -5.70
N VAL A 21 6.04 1.13 -5.78
CA VAL A 21 6.32 -0.08 -5.01
C VAL A 21 7.02 0.26 -3.69
N PHE A 22 6.74 -0.53 -2.67
CA PHE A 22 7.34 -0.31 -1.36
C PHE A 22 8.05 -1.58 -0.87
N ARG A 23 8.57 -1.53 0.36
CA ARG A 23 9.28 -2.66 0.94
C ARG A 23 8.36 -3.46 1.86
N ARG A 24 7.69 -2.76 2.77
CA ARG A 24 6.79 -3.40 3.71
C ARG A 24 5.37 -2.88 3.55
N ASN A 25 4.39 -3.74 3.81
CA ASN A 25 2.99 -3.37 3.68
C ASN A 25 2.69 -2.08 4.46
N SER A 26 3.29 -1.97 5.64
CA SER A 26 3.09 -0.79 6.49
C SER A 26 3.46 0.48 5.74
N HIS A 27 4.53 0.41 4.96
CA HIS A 27 5.00 1.56 4.18
C HIS A 27 4.00 1.91 3.08
N LEU A 28 3.30 0.90 2.58
CA LEU A 28 2.32 1.10 1.52
C LEU A 28 1.00 1.59 2.09
N ALA A 29 0.62 1.06 3.24
CA ALA A 29 -0.62 1.46 3.89
C ALA A 29 -0.65 2.97 4.13
N ARG A 30 0.43 3.50 4.68
CA ARG A 30 0.52 4.93 4.96
C ARG A 30 0.46 5.74 3.67
N HIS A 31 0.91 5.14 2.58
CA HIS A 31 0.91 5.81 1.29
C HIS A 31 -0.50 5.88 0.71
N GLN A 32 -1.26 4.80 0.90
CA GLN A 32 -2.63 4.73 0.39
C GLN A 32 -3.46 5.90 0.92
N LEU A 33 -3.06 6.43 2.08
CA LEU A 33 -3.77 7.55 2.69
C LEU A 33 -3.89 8.72 1.71
N ILE A 34 -2.89 8.86 0.85
CA ILE A 34 -2.88 9.93 -0.14
C ILE A 34 -3.95 9.72 -1.20
N HIS A 35 -4.33 8.46 -1.40
CA HIS A 35 -5.35 8.11 -2.38
C HIS A 35 -6.73 8.08 -1.74
N THR A 36 -6.81 7.46 -0.56
CA THR A 36 -8.08 7.36 0.16
C THR A 36 -7.90 7.67 1.64
N GLY A 37 -8.80 8.48 2.18
CA GLY A 37 -8.72 8.85 3.58
C GLY A 37 -9.99 9.47 4.09
N GLU A 38 -10.59 8.86 5.11
CA GLU A 38 -11.84 9.36 5.69
C GLU A 38 -11.55 10.37 6.79
N LYS A 39 -11.45 11.64 6.41
CA LYS A 39 -11.19 12.71 7.36
C LYS A 39 -9.89 12.46 8.11
N PRO A 40 -8.75 12.66 7.41
CA PRO A 40 -7.42 12.46 7.98
C PRO A 40 -7.08 13.52 9.03
N SER A 41 -7.41 13.25 10.28
CA SER A 41 -7.14 14.17 11.36
C SER A 41 -5.63 14.34 11.57
N GLY A 42 -4.96 13.24 11.89
CA GLY A 42 -3.53 13.29 12.11
C GLY A 42 -2.77 13.78 10.90
N PRO A 43 -1.44 13.93 11.04
CA PRO A 43 -0.58 14.39 9.95
C PRO A 43 -0.44 13.36 8.84
N SER A 44 -0.44 13.82 7.59
CA SER A 44 -0.32 12.93 6.45
C SER A 44 0.79 13.40 5.51
N SER A 45 0.99 12.67 4.41
CA SER A 45 2.01 13.01 3.44
C SER A 45 1.62 14.26 2.65
N GLY A 46 0.32 14.39 2.36
CA GLY A 46 -0.16 15.53 1.61
C GLY A 46 -1.66 15.70 1.72
N GLY A 1 6.51 -27.70 -21.31
CA GLY A 1 7.33 -27.91 -20.12
C GLY A 1 6.76 -28.99 -19.22
N SER A 2 7.59 -29.52 -18.33
CA SER A 2 7.17 -30.57 -17.41
C SER A 2 7.42 -30.15 -15.97
N SER A 3 8.54 -29.45 -15.74
CA SER A 3 8.89 -29.00 -14.40
C SER A 3 8.44 -27.56 -14.18
N GLY A 4 8.10 -27.24 -12.94
CA GLY A 4 7.65 -25.89 -12.62
C GLY A 4 7.92 -25.52 -11.17
N SER A 5 9.15 -25.10 -10.89
CA SER A 5 9.53 -24.72 -9.53
C SER A 5 8.79 -23.48 -9.09
N SER A 6 9.11 -23.00 -7.89
CA SER A 6 8.47 -21.81 -7.34
C SER A 6 9.51 -20.79 -6.87
N GLY A 7 10.28 -21.19 -5.86
CA GLY A 7 11.30 -20.30 -5.33
C GLY A 7 10.76 -19.34 -4.29
N THR A 8 11.48 -19.19 -3.20
CA THR A 8 11.06 -18.28 -2.12
C THR A 8 11.67 -16.90 -2.29
N GLY A 9 10.82 -15.88 -2.34
CA GLY A 9 11.31 -14.53 -2.50
C GLY A 9 10.45 -13.51 -1.74
N GLU A 10 10.88 -12.25 -1.76
CA GLU A 10 10.14 -11.19 -1.07
C GLU A 10 8.83 -10.90 -1.78
N LYS A 11 7.87 -10.35 -1.03
CA LYS A 11 6.57 -10.01 -1.59
C LYS A 11 6.25 -8.53 -1.37
N PRO A 12 6.97 -7.65 -2.09
CA PRO A 12 6.78 -6.21 -1.99
C PRO A 12 5.45 -5.75 -2.58
N TYR A 13 4.74 -4.91 -1.85
CA TYR A 13 3.45 -4.40 -2.31
C TYR A 13 3.64 -3.31 -3.36
N LYS A 14 2.75 -3.29 -4.34
CA LYS A 14 2.81 -2.30 -5.41
C LYS A 14 1.50 -1.51 -5.50
N CYS A 15 1.55 -0.24 -5.16
CA CYS A 15 0.37 0.62 -5.20
C CYS A 15 -0.31 0.55 -6.56
N HIS A 16 -1.57 0.12 -6.58
CA HIS A 16 -2.31 0.00 -7.82
C HIS A 16 -2.97 1.33 -8.19
N GLU A 17 -2.68 2.36 -7.40
CA GLU A 17 -3.24 3.69 -7.64
C GLU A 17 -2.33 4.50 -8.56
N CYS A 18 -1.03 4.47 -8.27
CA CYS A 18 -0.07 5.21 -9.07
C CYS A 18 0.99 4.26 -9.65
N GLY A 19 1.33 3.24 -8.89
CA GLY A 19 2.32 2.27 -9.35
C GLY A 19 3.61 2.34 -8.55
N LYS A 20 3.50 2.82 -7.31
CA LYS A 20 4.66 2.94 -6.44
C LYS A 20 4.84 1.67 -5.61
N VAL A 21 6.05 1.13 -5.61
CA VAL A 21 6.36 -0.09 -4.86
C VAL A 21 6.96 0.24 -3.50
N PHE A 22 6.72 -0.62 -2.53
CA PHE A 22 7.24 -0.42 -1.18
C PHE A 22 7.78 -1.73 -0.60
N ARG A 23 8.66 -1.62 0.38
CA ARG A 23 9.25 -2.79 1.01
C ARG A 23 8.19 -3.61 1.74
N ARG A 24 7.69 -3.08 2.85
CA ARG A 24 6.67 -3.77 3.63
C ARG A 24 5.29 -3.17 3.37
N ASN A 25 4.27 -3.73 4.00
CA ASN A 25 2.90 -3.25 3.84
C ASN A 25 2.69 -1.96 4.62
N SER A 26 3.34 -1.85 5.78
CA SER A 26 3.21 -0.66 6.62
C SER A 26 3.49 0.61 5.81
N HIS A 27 4.61 0.61 5.11
CA HIS A 27 5.00 1.76 4.30
C HIS A 27 3.94 2.08 3.26
N LEU A 28 3.35 1.04 2.69
CA LEU A 28 2.30 1.20 1.68
C LEU A 28 1.02 1.73 2.31
N ALA A 29 0.81 1.40 3.57
CA ALA A 29 -0.38 1.84 4.29
C ALA A 29 -0.49 3.36 4.28
N ARG A 30 0.54 4.04 4.80
CA ARG A 30 0.55 5.49 4.84
C ARG A 30 0.44 6.09 3.44
N HIS A 31 0.88 5.32 2.45
CA HIS A 31 0.82 5.78 1.06
C HIS A 31 -0.55 5.52 0.46
N GLN A 32 -1.31 4.62 1.08
CA GLN A 32 -2.65 4.29 0.61
C GLN A 32 -3.67 5.34 1.05
N LEU A 33 -3.29 6.14 2.03
CA LEU A 33 -4.17 7.19 2.55
C LEU A 33 -3.86 8.53 1.89
N ILE A 34 -3.32 8.47 0.68
CA ILE A 34 -2.96 9.69 -0.06
C ILE A 34 -3.83 9.83 -1.30
N HIS A 35 -4.30 8.70 -1.83
CA HIS A 35 -5.14 8.71 -3.02
C HIS A 35 -6.61 8.87 -2.66
N THR A 36 -7.02 8.24 -1.56
CA THR A 36 -8.40 8.32 -1.10
C THR A 36 -8.51 9.16 0.16
N GLY A 37 -9.66 9.79 0.34
CA GLY A 37 -9.87 10.62 1.52
C GLY A 37 -10.90 11.71 1.28
N GLU A 38 -10.44 12.86 0.79
CA GLU A 38 -11.33 13.99 0.52
C GLU A 38 -11.70 14.04 -0.96
N LYS A 39 -12.48 13.05 -1.40
CA LYS A 39 -12.91 12.97 -2.79
C LYS A 39 -14.08 12.01 -2.95
N PRO A 40 -15.27 12.43 -2.48
CA PRO A 40 -16.48 11.61 -2.56
C PRO A 40 -16.98 11.47 -3.99
N SER A 41 -17.09 10.22 -4.45
CA SER A 41 -17.56 9.95 -5.80
C SER A 41 -18.95 10.55 -6.03
N GLY A 42 -19.27 10.79 -7.30
CA GLY A 42 -20.56 11.36 -7.63
C GLY A 42 -21.14 10.77 -8.90
N PRO A 43 -22.41 11.11 -9.19
CA PRO A 43 -23.12 10.62 -10.38
C PRO A 43 -22.55 11.21 -11.67
N SER A 44 -21.86 10.37 -12.44
CA SER A 44 -21.27 10.80 -13.70
C SER A 44 -22.05 10.26 -14.89
N SER A 45 -22.52 9.02 -14.76
CA SER A 45 -23.27 8.37 -15.82
C SER A 45 -24.61 7.87 -15.31
N GLY A 46 -25.64 7.93 -16.16
CA GLY A 46 -26.96 7.48 -15.77
C GLY A 46 -27.36 6.20 -16.48
N GLY A 1 23.80 11.68 -7.64
CA GLY A 1 22.66 11.91 -8.52
C GLY A 1 21.35 11.56 -7.85
N SER A 2 20.96 10.29 -7.94
CA SER A 2 19.71 9.82 -7.35
C SER A 2 19.96 8.70 -6.35
N SER A 3 18.89 8.21 -5.74
CA SER A 3 19.00 7.14 -4.75
C SER A 3 18.03 6.01 -5.07
N GLY A 4 18.53 4.77 -5.01
CA GLY A 4 17.70 3.62 -5.29
C GLY A 4 16.48 3.54 -4.39
N SER A 5 15.32 3.83 -4.95
CA SER A 5 14.07 3.80 -4.19
C SER A 5 13.68 2.36 -3.84
N SER A 6 13.61 1.51 -4.86
CA SER A 6 13.25 0.12 -4.66
C SER A 6 14.49 -0.76 -4.57
N GLY A 7 14.37 -1.90 -3.88
CA GLY A 7 15.48 -2.80 -3.73
C GLY A 7 15.08 -4.25 -3.90
N THR A 8 15.11 -5.00 -2.80
CA THR A 8 14.75 -6.41 -2.83
C THR A 8 14.05 -6.84 -1.54
N GLY A 9 13.06 -7.70 -1.65
CA GLY A 9 12.34 -8.17 -0.49
C GLY A 9 11.71 -9.54 -0.71
N GLU A 10 10.74 -9.88 0.14
CA GLU A 10 10.06 -11.17 0.03
C GLU A 10 8.69 -11.01 -0.60
N LYS A 11 8.00 -9.93 -0.27
CA LYS A 11 6.68 -9.66 -0.82
C LYS A 11 6.40 -8.15 -0.85
N PRO A 12 7.13 -7.44 -1.72
CA PRO A 12 6.97 -5.99 -1.87
C PRO A 12 5.64 -5.61 -2.51
N TYR A 13 4.87 -4.79 -1.83
CA TYR A 13 3.57 -4.35 -2.33
C TYR A 13 3.73 -3.25 -3.37
N LYS A 14 2.83 -3.23 -4.35
CA LYS A 14 2.86 -2.23 -5.41
C LYS A 14 1.51 -1.54 -5.55
N CYS A 15 1.47 -0.26 -5.21
CA CYS A 15 0.24 0.52 -5.31
C CYS A 15 -0.30 0.51 -6.73
N HIS A 16 -1.53 0.00 -6.89
CA HIS A 16 -2.16 -0.07 -8.20
C HIS A 16 -2.78 1.27 -8.58
N GLU A 17 -2.89 2.17 -7.59
CA GLU A 17 -3.47 3.49 -7.83
C GLU A 17 -2.55 4.34 -8.71
N CYS A 18 -1.26 4.32 -8.40
CA CYS A 18 -0.27 5.09 -9.15
C CYS A 18 0.77 4.16 -9.77
N GLY A 19 1.21 3.18 -9.00
CA GLY A 19 2.21 2.25 -9.49
C GLY A 19 3.51 2.32 -8.72
N LYS A 20 3.43 2.80 -7.49
CA LYS A 20 4.62 2.91 -6.64
C LYS A 20 4.81 1.66 -5.79
N VAL A 21 6.07 1.21 -5.70
CA VAL A 21 6.38 0.02 -4.92
C VAL A 21 6.92 0.40 -3.54
N PHE A 22 6.68 -0.48 -2.56
CA PHE A 22 7.15 -0.24 -1.20
C PHE A 22 7.77 -1.50 -0.61
N ARG A 23 8.55 -1.32 0.45
CA ARG A 23 9.21 -2.45 1.12
C ARG A 23 8.19 -3.44 1.66
N ARG A 24 7.53 -3.05 2.75
CA ARG A 24 6.52 -3.90 3.38
C ARG A 24 5.13 -3.28 3.25
N ASN A 25 4.13 -3.94 3.86
CA ASN A 25 2.76 -3.45 3.81
C ASN A 25 2.60 -2.17 4.64
N SER A 26 3.31 -2.12 5.76
CA SER A 26 3.25 -0.96 6.65
C SER A 26 3.59 0.32 5.89
N HIS A 27 4.55 0.22 4.98
CA HIS A 27 4.96 1.38 4.19
C HIS A 27 3.87 1.79 3.22
N LEU A 28 3.28 0.82 2.54
CA LEU A 28 2.21 1.08 1.58
C LEU A 28 0.95 1.60 2.29
N ALA A 29 0.74 1.13 3.51
CA ALA A 29 -0.42 1.53 4.30
C ALA A 29 -0.51 3.05 4.37
N ARG A 30 0.57 3.69 4.81
CA ARG A 30 0.61 5.15 4.92
C ARG A 30 0.46 5.81 3.56
N HIS A 31 0.87 5.09 2.51
CA HIS A 31 0.79 5.61 1.15
C HIS A 31 -0.64 5.53 0.63
N GLN A 32 -1.43 4.62 1.19
CA GLN A 32 -2.81 4.45 0.78
C GLN A 32 -3.68 5.60 1.27
N LEU A 33 -3.11 6.44 2.14
CA LEU A 33 -3.83 7.58 2.67
C LEU A 33 -3.44 8.86 1.94
N ILE A 34 -3.01 8.71 0.70
CA ILE A 34 -2.61 9.86 -0.12
C ILE A 34 -3.57 10.06 -1.30
N HIS A 35 -4.20 8.96 -1.73
CA HIS A 35 -5.14 9.02 -2.84
C HIS A 35 -6.53 9.39 -2.34
N THR A 36 -6.90 8.89 -1.17
CA THR A 36 -8.21 9.18 -0.60
C THR A 36 -8.42 10.68 -0.42
N GLY A 37 -7.36 11.38 -0.05
CA GLY A 37 -7.45 12.81 0.15
C GLY A 37 -7.40 13.21 1.61
N GLU A 38 -7.34 14.50 1.88
CA GLU A 38 -7.30 15.01 3.24
C GLU A 38 -8.60 15.71 3.62
N LYS A 39 -8.82 16.88 3.02
CA LYS A 39 -10.02 17.65 3.27
C LYS A 39 -10.65 18.14 1.98
N PRO A 40 -11.94 18.50 2.03
CA PRO A 40 -12.68 18.98 0.87
C PRO A 40 -12.22 20.37 0.43
N SER A 41 -11.45 21.04 1.29
CA SER A 41 -10.94 22.37 0.99
C SER A 41 -9.79 22.30 -0.01
N GLY A 42 -9.71 23.29 -0.90
CA GLY A 42 -8.65 23.32 -1.89
C GLY A 42 -9.10 23.90 -3.20
N PRO A 43 -8.14 24.11 -4.12
CA PRO A 43 -8.42 24.67 -5.44
C PRO A 43 -9.21 23.71 -6.33
N SER A 44 -10.53 23.70 -6.16
CA SER A 44 -11.38 22.82 -6.95
C SER A 44 -11.61 23.39 -8.35
N SER A 45 -10.67 23.11 -9.25
CA SER A 45 -10.76 23.60 -10.62
C SER A 45 -10.01 22.67 -11.58
N GLY A 46 -10.34 22.77 -12.86
CA GLY A 46 -9.69 21.94 -13.86
C GLY A 46 -8.49 22.61 -14.49
N GLY A 1 0.60 -40.12 0.35
CA GLY A 1 1.10 -39.61 1.61
C GLY A 1 0.87 -38.12 1.77
N SER A 2 0.26 -37.74 2.89
CA SER A 2 -0.03 -36.33 3.16
C SER A 2 1.17 -35.65 3.82
N SER A 3 2.02 -35.03 3.01
CA SER A 3 3.20 -34.35 3.51
C SER A 3 3.55 -33.15 2.62
N GLY A 4 4.10 -32.11 3.24
CA GLY A 4 4.47 -30.92 2.50
C GLY A 4 3.40 -29.84 2.55
N SER A 5 3.80 -28.64 2.93
CA SER A 5 2.87 -27.52 3.03
C SER A 5 3.54 -26.21 2.63
N SER A 6 2.75 -25.26 2.15
CA SER A 6 3.26 -23.97 1.72
C SER A 6 2.38 -22.83 2.24
N GLY A 7 2.85 -21.60 2.06
CA GLY A 7 2.09 -20.45 2.52
C GLY A 7 2.98 -19.32 2.98
N THR A 8 3.53 -18.57 2.02
CA THR A 8 4.40 -17.45 2.34
C THR A 8 4.43 -16.43 1.20
N GLY A 9 4.22 -15.17 1.55
CA GLY A 9 4.23 -14.11 0.55
C GLY A 9 4.61 -12.77 1.13
N GLU A 10 5.90 -12.57 1.36
CA GLU A 10 6.40 -11.31 1.93
C GLU A 10 6.94 -10.41 0.81
N LYS A 11 6.39 -10.56 -0.39
CA LYS A 11 6.83 -9.76 -1.53
C LYS A 11 6.48 -8.28 -1.32
N PRO A 12 7.15 -7.40 -2.07
CA PRO A 12 6.93 -5.96 -1.98
C PRO A 12 5.58 -5.54 -2.55
N TYR A 13 4.83 -4.77 -1.76
CA TYR A 13 3.50 -4.32 -2.19
C TYR A 13 3.62 -3.18 -3.20
N LYS A 14 2.78 -3.22 -4.22
CA LYS A 14 2.79 -2.20 -5.27
C LYS A 14 1.44 -1.48 -5.33
N CYS A 15 1.48 -0.16 -5.32
CA CYS A 15 0.26 0.64 -5.37
C CYS A 15 -0.34 0.61 -6.78
N HIS A 16 -1.57 0.12 -6.87
CA HIS A 16 -2.27 0.03 -8.15
C HIS A 16 -2.84 1.38 -8.54
N GLU A 17 -2.78 2.35 -7.62
CA GLU A 17 -3.30 3.68 -7.87
C GLU A 17 -2.35 4.48 -8.78
N CYS A 18 -1.08 4.48 -8.42
CA CYS A 18 -0.07 5.20 -9.20
C CYS A 18 0.96 4.24 -9.78
N GLY A 19 1.35 3.24 -8.99
CA GLY A 19 2.32 2.28 -9.44
C GLY A 19 3.60 2.31 -8.63
N LYS A 20 3.51 2.84 -7.41
CA LYS A 20 4.67 2.93 -6.53
C LYS A 20 4.81 1.67 -5.69
N VAL A 21 6.00 1.09 -5.71
CA VAL A 21 6.27 -0.12 -4.94
C VAL A 21 6.98 0.19 -3.63
N PHE A 22 6.69 -0.59 -2.59
CA PHE A 22 7.29 -0.39 -1.29
C PHE A 22 7.94 -1.67 -0.78
N ARG A 23 8.47 -1.63 0.44
CA ARG A 23 9.10 -2.79 1.04
C ARG A 23 8.11 -3.58 1.90
N ARG A 24 7.68 -2.97 2.99
CA ARG A 24 6.74 -3.62 3.90
C ARG A 24 5.34 -3.02 3.75
N ASN A 25 4.32 -3.82 4.02
CA ASN A 25 2.94 -3.37 3.91
C ASN A 25 2.73 -2.08 4.70
N SER A 26 3.49 -1.92 5.77
CA SER A 26 3.39 -0.73 6.61
C SER A 26 3.63 0.53 5.80
N HIS A 27 4.73 0.54 5.05
CA HIS A 27 5.09 1.69 4.23
C HIS A 27 3.96 2.02 3.25
N LEU A 28 3.41 0.99 2.62
CA LEU A 28 2.33 1.18 1.65
C LEU A 28 1.06 1.67 2.34
N ALA A 29 0.87 1.25 3.59
CA ALA A 29 -0.30 1.64 4.36
C ALA A 29 -0.46 3.16 4.37
N ARG A 30 0.59 3.86 4.78
CA ARG A 30 0.57 5.31 4.83
C ARG A 30 0.42 5.91 3.44
N HIS A 31 0.87 5.16 2.43
CA HIS A 31 0.78 5.61 1.05
C HIS A 31 -0.62 5.42 0.49
N GLN A 32 -1.39 4.55 1.15
CA GLN A 32 -2.76 4.28 0.71
C GLN A 32 -3.71 5.38 1.17
N LEU A 33 -3.27 6.18 2.13
CA LEU A 33 -4.08 7.27 2.64
C LEU A 33 -3.74 8.59 1.95
N ILE A 34 -3.24 8.49 0.72
CA ILE A 34 -2.87 9.66 -0.06
C ILE A 34 -3.80 9.83 -1.27
N HIS A 35 -4.34 8.72 -1.74
CA HIS A 35 -5.24 8.74 -2.89
C HIS A 35 -6.68 8.94 -2.45
N THR A 36 -7.05 8.32 -1.33
CA THR A 36 -8.40 8.44 -0.80
C THR A 36 -8.82 9.89 -0.66
N GLY A 37 -9.89 10.26 -1.37
CA GLY A 37 -10.38 11.63 -1.32
C GLY A 37 -11.28 11.97 -2.48
N GLU A 38 -10.68 12.45 -3.56
CA GLU A 38 -11.44 12.82 -4.76
C GLU A 38 -12.50 13.87 -4.43
N LYS A 39 -12.09 14.89 -3.68
CA LYS A 39 -13.00 15.96 -3.29
C LYS A 39 -12.23 17.19 -2.84
N PRO A 40 -11.58 17.88 -3.81
CA PRO A 40 -10.80 19.09 -3.54
C PRO A 40 -11.68 20.27 -3.13
N SER A 41 -11.46 20.79 -1.93
CA SER A 41 -12.22 21.92 -1.43
C SER A 41 -12.08 23.13 -2.34
N GLY A 42 -13.21 23.68 -2.76
CA GLY A 42 -13.19 24.84 -3.63
C GLY A 42 -14.37 25.76 -3.43
N PRO A 43 -14.47 26.82 -4.25
CA PRO A 43 -15.56 27.78 -4.16
C PRO A 43 -16.90 27.19 -4.60
N SER A 44 -17.73 26.84 -3.63
CA SER A 44 -19.04 26.27 -3.91
C SER A 44 -19.84 27.17 -4.83
N SER A 45 -20.75 26.57 -5.60
CA SER A 45 -21.58 27.33 -6.53
C SER A 45 -22.81 26.51 -6.95
N GLY A 46 -23.98 26.95 -6.50
CA GLY A 46 -25.21 26.25 -6.84
C GLY A 46 -25.76 26.66 -8.19
N GLY A 1 19.09 -23.43 14.92
CA GLY A 1 18.93 -21.98 14.98
C GLY A 1 19.84 -21.25 14.02
N SER A 2 19.26 -20.42 13.17
CA SER A 2 20.03 -19.67 12.18
C SER A 2 20.00 -18.18 12.51
N SER A 3 20.64 -17.81 13.63
CA SER A 3 20.68 -16.42 14.07
C SER A 3 21.32 -15.54 12.99
N GLY A 4 20.82 -14.32 12.87
CA GLY A 4 21.36 -13.40 11.87
C GLY A 4 20.60 -13.45 10.56
N SER A 5 19.28 -13.61 10.65
CA SER A 5 18.44 -13.69 9.46
C SER A 5 18.05 -12.28 8.99
N SER A 6 18.78 -11.77 8.02
CA SER A 6 18.52 -10.44 7.47
C SER A 6 17.07 -10.33 7.00
N GLY A 7 16.58 -9.09 6.91
CA GLY A 7 15.22 -8.87 6.47
C GLY A 7 15.14 -8.43 5.02
N THR A 8 14.72 -9.33 4.14
CA THR A 8 14.61 -9.02 2.72
C THR A 8 13.19 -8.62 2.36
N GLY A 9 13.02 -8.08 1.16
CA GLY A 9 11.71 -7.65 0.71
C GLY A 9 10.94 -8.78 0.04
N GLU A 10 10.32 -9.63 0.85
CA GLU A 10 9.55 -10.75 0.33
C GLU A 10 8.16 -10.29 -0.12
N LYS A 11 7.88 -10.46 -1.41
CA LYS A 11 6.58 -10.07 -1.97
C LYS A 11 6.26 -8.62 -1.61
N PRO A 12 7.02 -7.69 -2.19
CA PRO A 12 6.82 -6.26 -1.94
C PRO A 12 5.53 -5.73 -2.56
N TYR A 13 4.71 -5.09 -1.75
CA TYR A 13 3.44 -4.54 -2.22
C TYR A 13 3.68 -3.40 -3.21
N LYS A 14 2.84 -3.34 -4.24
CA LYS A 14 2.95 -2.30 -5.26
C LYS A 14 1.61 -1.59 -5.45
N CYS A 15 1.54 -0.34 -5.02
CA CYS A 15 0.33 0.46 -5.15
C CYS A 15 -0.17 0.46 -6.59
N HIS A 16 -1.38 -0.04 -6.80
CA HIS A 16 -1.96 -0.09 -8.13
C HIS A 16 -2.56 1.26 -8.51
N GLU A 17 -2.77 2.11 -7.51
CA GLU A 17 -3.35 3.43 -7.74
C GLU A 17 -2.43 4.28 -8.61
N CYS A 18 -1.15 4.29 -8.27
CA CYS A 18 -0.16 5.07 -9.02
C CYS A 18 0.90 4.14 -9.63
N GLY A 19 1.35 3.16 -8.85
CA GLY A 19 2.35 2.23 -9.34
C GLY A 19 3.63 2.30 -8.54
N LYS A 20 3.53 2.71 -7.27
CA LYS A 20 4.69 2.83 -6.40
C LYS A 20 4.85 1.57 -5.56
N VAL A 21 6.08 1.05 -5.51
CA VAL A 21 6.37 -0.15 -4.74
C VAL A 21 6.90 0.20 -3.35
N PHE A 22 6.58 -0.63 -2.37
CA PHE A 22 7.01 -0.40 -1.00
C PHE A 22 7.66 -1.65 -0.42
N ARG A 23 8.75 -1.46 0.32
CA ARG A 23 9.47 -2.58 0.93
C ARG A 23 8.51 -3.47 1.73
N ARG A 24 7.64 -2.84 2.51
CA ARG A 24 6.67 -3.57 3.32
C ARG A 24 5.29 -2.94 3.22
N ASN A 25 4.29 -3.64 3.76
CA ASN A 25 2.92 -3.14 3.73
C ASN A 25 2.76 -1.90 4.62
N SER A 26 3.47 -1.90 5.74
CA SER A 26 3.40 -0.78 6.67
C SER A 26 3.67 0.54 5.95
N HIS A 27 4.55 0.49 4.95
CA HIS A 27 4.90 1.69 4.19
C HIS A 27 3.81 2.02 3.18
N LEU A 28 3.18 0.98 2.63
CA LEU A 28 2.12 1.16 1.65
C LEU A 28 0.84 1.66 2.32
N ALA A 29 0.66 1.31 3.58
CA ALA A 29 -0.51 1.72 4.34
C ALA A 29 -0.61 3.24 4.40
N ARG A 30 0.44 3.88 4.92
CA ARG A 30 0.46 5.33 5.05
C ARG A 30 0.34 5.99 3.67
N HIS A 31 0.76 5.28 2.63
CA HIS A 31 0.70 5.79 1.27
C HIS A 31 -0.71 5.67 0.70
N GLN A 32 -1.48 4.72 1.24
CA GLN A 32 -2.84 4.50 0.79
C GLN A 32 -3.75 5.63 1.23
N LEU A 33 -3.24 6.50 2.09
CA LEU A 33 -4.01 7.63 2.60
C LEU A 33 -3.67 8.91 1.83
N ILE A 34 -3.18 8.75 0.61
CA ILE A 34 -2.82 9.88 -0.23
C ILE A 34 -3.75 10.01 -1.43
N HIS A 35 -4.32 8.89 -1.85
CA HIS A 35 -5.24 8.87 -2.98
C HIS A 35 -6.67 9.18 -2.54
N THR A 36 -7.03 8.69 -1.35
CA THR A 36 -8.36 8.92 -0.81
C THR A 36 -8.32 9.89 0.37
N GLY A 37 -7.19 9.93 1.05
CA GLY A 37 -7.04 10.83 2.19
C GLY A 37 -8.14 10.63 3.22
N GLU A 38 -7.99 9.61 4.06
CA GLU A 38 -8.98 9.32 5.09
C GLU A 38 -8.82 10.26 6.28
N LYS A 39 -7.57 10.55 6.62
CA LYS A 39 -7.27 11.44 7.74
C LYS A 39 -6.78 12.80 7.25
N PRO A 40 -6.90 13.82 8.11
CA PRO A 40 -6.46 15.18 7.77
C PRO A 40 -4.94 15.30 7.67
N SER A 41 -4.40 14.89 6.53
CA SER A 41 -2.95 14.93 6.31
C SER A 41 -2.62 14.67 4.85
N GLY A 42 -1.48 15.20 4.41
CA GLY A 42 -1.07 15.01 3.02
C GLY A 42 -0.27 16.19 2.49
N PRO A 43 0.18 16.08 1.24
CA PRO A 43 0.96 17.14 0.59
C PRO A 43 0.12 18.37 0.28
N SER A 44 -1.14 18.15 -0.08
CA SER A 44 -2.04 19.25 -0.41
C SER A 44 -3.15 19.38 0.65
N SER A 45 -3.14 20.50 1.36
CA SER A 45 -4.13 20.74 2.40
C SER A 45 -5.45 21.21 1.80
N GLY A 46 -5.37 22.10 0.83
CA GLY A 46 -6.56 22.62 0.18
C GLY A 46 -6.87 21.89 -1.11
#